data_9N9O
#
_entry.id   9N9O
#
_cell.length_a   1.00
_cell.length_b   1.00
_cell.length_c   1.00
_cell.angle_alpha   90.00
_cell.angle_beta   90.00
_cell.angle_gamma   90.00
#
_symmetry.space_group_name_H-M   'P 1'
#
loop_
_entity.id
_entity.type
_entity.pdbx_description
1 polymer 'Nuclease-deactivated Cas12f'
2 polymer 'DNA non-template strand'
3 polymer 'DNA template strand'
4 polymer 'gRNA (85-MER)'
#
loop_
_entity_poly.entity_id
_entity_poly.type
_entity_poly.pdbx_seq_one_letter_code
_entity_poly.pdbx_strand_id
1 'polypeptide(L)'
;MGKSTLKHTRKIQILIDLPTKDEKKEVMDMMYQWRDRCFRAANIIVTHLYVQEMIKDFFYLSEGIKYKLADEKKDEKGIL
QRSRMNTTYRVVSDRFKGEMPTNILSTLNHGLISSFNKNRVQYWKGERSLPNFKKDMAFPFGLQGISRLVYDEEKKAFCF
RLYRVPFKTYLGKDFTDKRMLLERLVKGDVKLCASNIQLNGGKIFWLAVFEIEKEKHSLKPEVIAEASLSLEYPIVVKTG
KNRLTIGTKEEFLYRRLAIQAARRRTQVGATYSRSGKGKKRKLKAVDKYHKTESNYVAHRIHVYSRKLIDFCIKHQAGTL
ILMNQEDKVGIAKEEEFVLRNWSYYELMTKIKYKAEKAGIELIIG
;
A,B
2 'polydeoxyribonucleotide'
;(DC)(DT)(DA)(DG)(DC)(DG)(DT)(DT)(DG)(DT)(DG)(DG)(DG)(DA)(DT)(DA)(DC)(DC)(DC)(DG)
(DT)(DT)(DA)(DC)(DA)(DC)(DT)(DA)(DA)(DT)(DT)(DT)(DT)(DT)(DC)(DG)(DG)(DT)(DT)(DC)
(DA)(DC)(DG)(DA)(DT)(DA)(DT)(DC)(DC)(DT)(DT)(DT)(DA)(DG)(DT)(DC)(DC)(DC)(DA)(DC)
;
a
3 'polydeoxyribonucleotide'
;(DG)(DT)(DG)(DG)(DG)(DA)(DC)(DT)(DA)(DA)(DA)(DG)(DG)(DA)(DT)(DA)(DT)(DC)(DG)(DT)
(DG)(DA)(DA)(DC)(DC)(DG)(DA)(DA)(DA)(DA)(DA)(DT)(DT)(DA)(DG)(DT)(DG)(DT)(DA)(DA)
(DC)(DG)(DG)(DG)(DT)(DA)(DT)(DC)(DC)(DC)(DA)(DC)(DA)(DA)(DC)(DG)(DC)(DT)(DA)(DG)
;
b
4 'polyribonucleotide'
;AUUUUGAGGGUGCUUGUACACCCAUAGGGUGAGGUUAAGAAUUACACUCACUAAGUGUGAACAACACAUACAACUUGUGG
GAUAUACGCUAAC
;
c
#
loop_
_chem_comp.id
_chem_comp.type
_chem_comp.name
_chem_comp.formula
A RNA linking ADENOSINE-5'-MONOPHOSPHATE 'C10 H14 N5 O7 P'
C RNA linking CYTIDINE-5'-MONOPHOSPHATE 'C9 H14 N3 O8 P'
DA DNA linking 2'-DEOXYADENOSINE-5'-MONOPHOSPHATE 'C10 H14 N5 O6 P'
DC DNA linking 2'-DEOXYCYTIDINE-5'-MONOPHOSPHATE 'C9 H14 N3 O7 P'
DG DNA linking 2'-DEOXYGUANOSINE-5'-MONOPHOSPHATE 'C10 H14 N5 O7 P'
DT DNA linking THYMIDINE-5'-MONOPHOSPHATE 'C10 H15 N2 O8 P'
G RNA linking GUANOSINE-5'-MONOPHOSPHATE 'C10 H14 N5 O8 P'
U RNA linking URIDINE-5'-MONOPHOSPHATE 'C9 H13 N2 O9 P'
#
# COMPACT_ATOMS: atom_id res chain seq x y z
N MET A 1 -27.80 31.34 -10.29
CA MET A 1 -28.10 30.08 -10.94
C MET A 1 -27.10 29.00 -10.53
N GLY A 2 -27.61 27.80 -10.27
CA GLY A 2 -26.75 26.71 -9.88
C GLY A 2 -26.01 26.10 -11.05
N LYS A 3 -25.13 25.15 -10.73
CA LYS A 3 -24.33 24.46 -11.75
C LYS A 3 -25.25 23.57 -12.58
N SER A 4 -25.35 23.85 -13.87
CA SER A 4 -26.15 23.05 -14.78
C SER A 4 -25.34 21.92 -15.41
N THR A 5 -24.08 21.78 -15.04
CA THR A 5 -23.21 20.75 -15.58
C THR A 5 -22.50 20.01 -14.45
N LEU A 6 -22.32 18.71 -14.64
CA LEU A 6 -21.60 17.85 -13.72
C LEU A 6 -20.34 17.31 -14.39
N LYS A 7 -19.24 17.26 -13.65
CA LYS A 7 -17.97 16.84 -14.21
C LYS A 7 -17.99 15.35 -14.55
N HIS A 8 -17.26 14.99 -15.61
CA HIS A 8 -17.15 13.60 -16.06
C HIS A 8 -15.78 13.38 -16.66
N THR A 9 -15.31 12.14 -16.58
CA THR A 9 -13.97 11.80 -17.06
C THR A 9 -14.03 10.61 -17.99
N ARG A 10 -13.60 10.80 -19.23
CA ARG A 10 -13.61 9.76 -20.24
C ARG A 10 -12.19 9.34 -20.53
N LYS A 11 -12.02 8.07 -20.86
CA LYS A 11 -10.72 7.51 -21.21
C LYS A 11 -10.62 7.46 -22.73
N ILE A 12 -9.98 8.46 -23.32
CA ILE A 12 -9.69 8.51 -24.74
C ILE A 12 -8.23 8.13 -24.92
N GLN A 13 -7.98 7.12 -25.73
CA GLN A 13 -6.62 6.68 -26.01
C GLN A 13 -6.04 7.51 -27.14
N ILE A 14 -4.86 8.09 -26.91
CA ILE A 14 -4.22 9.00 -27.86
C ILE A 14 -2.86 8.41 -28.19
N LEU A 15 -2.45 8.52 -29.45
CA LEU A 15 -1.19 7.94 -29.89
C LEU A 15 -0.31 9.00 -30.55
N ILE A 16 1.00 8.83 -30.39
CA ILE A 16 1.96 9.80 -30.92
C ILE A 16 1.93 9.76 -32.43
N ASP A 17 1.75 10.93 -33.05
CA ASP A 17 1.61 11.02 -34.50
C ASP A 17 2.91 11.51 -35.11
N LEU A 18 3.89 10.61 -35.15
CA LEU A 18 5.14 10.85 -35.83
C LEU A 18 5.42 9.69 -36.76
N PRO A 19 6.08 9.93 -37.89
CA PRO A 19 6.20 8.87 -38.89
C PRO A 19 7.14 7.74 -38.49
N THR A 20 8.13 8.00 -37.66
CA THR A 20 9.21 7.05 -37.41
C THR A 20 9.28 6.65 -35.95
N LYS A 21 10.07 5.59 -35.69
CA LYS A 21 10.13 5.02 -34.35
C LYS A 21 10.91 5.89 -33.38
N ASP A 22 12.07 6.40 -33.78
CA ASP A 22 12.91 7.10 -32.83
C ASP A 22 12.24 8.39 -32.35
N GLU A 23 11.48 9.05 -33.23
CA GLU A 23 10.75 10.24 -32.82
C GLU A 23 9.63 9.91 -31.84
N LYS A 24 8.92 8.80 -32.07
CA LYS A 24 7.93 8.35 -31.10
C LYS A 24 8.58 8.03 -29.76
N LYS A 25 9.73 7.37 -29.78
CA LYS A 25 10.42 7.03 -28.54
C LYS A 25 10.88 8.29 -27.82
N GLU A 26 11.32 9.30 -28.58
CA GLU A 26 11.68 10.57 -27.96
C GLU A 26 10.48 11.20 -27.27
N VAL A 27 9.32 11.18 -27.92
CA VAL A 27 8.12 11.74 -27.30
C VAL A 27 7.77 10.97 -26.03
N MET A 28 7.87 9.64 -26.08
CA MET A 28 7.47 8.84 -24.93
C MET A 28 8.44 9.03 -23.77
N ASP A 29 9.74 9.13 -24.06
CA ASP A 29 10.70 9.43 -23.01
C ASP A 29 10.44 10.81 -22.42
N MET A 30 10.09 11.78 -23.26
CA MET A 30 9.75 13.11 -22.75
C MET A 30 8.55 13.05 -21.83
N MET A 31 7.56 12.21 -22.14
CA MET A 31 6.40 12.14 -21.27
C MET A 31 6.65 11.35 -19.99
N TYR A 32 7.49 10.31 -20.02
CA TYR A 32 7.87 9.69 -18.75
C TYR A 32 8.63 10.70 -17.90
N GLN A 33 9.43 11.55 -18.56
CA GLN A 33 10.09 12.64 -17.86
C GLN A 33 9.04 13.58 -17.24
N TRP A 34 8.00 13.90 -17.99
CA TRP A 34 6.95 14.77 -17.46
C TRP A 34 6.30 14.16 -16.23
N ARG A 35 5.97 12.87 -16.28
CA ARG A 35 5.33 12.21 -15.15
C ARG A 35 6.23 12.23 -13.92
N ASP A 36 7.50 11.86 -14.11
CA ASP A 36 8.42 11.81 -12.97
C ASP A 36 8.62 13.21 -12.37
N ARG A 37 8.82 14.21 -13.22
CA ARG A 37 9.00 15.57 -12.72
C ARG A 37 7.74 16.08 -12.04
N CYS A 38 6.56 15.72 -12.54
CA CYS A 38 5.33 16.14 -11.90
C CYS A 38 5.17 15.51 -10.52
N PHE A 39 5.54 14.24 -10.37
CA PHE A 39 5.45 13.61 -9.05
C PHE A 39 6.45 14.24 -8.08
N ARG A 40 7.67 14.50 -8.53
CA ARG A 40 8.63 15.23 -7.70
C ARG A 40 8.07 16.60 -7.32
N ALA A 41 7.44 17.27 -8.27
CA ALA A 41 6.85 18.58 -8.03
C ALA A 41 5.75 18.51 -6.98
N ALA A 42 4.89 17.50 -7.05
CA ALA A 42 3.80 17.40 -6.09
C ALA A 42 4.33 17.16 -4.68
N ASN A 43 5.33 16.28 -4.53
CA ASN A 43 5.98 16.14 -3.23
C ASN A 43 6.52 17.48 -2.76
N ILE A 44 7.19 18.20 -3.65
CA ILE A 44 7.77 19.49 -3.27
C ILE A 44 6.69 20.43 -2.80
N ILE A 45 5.54 20.40 -3.46
CA ILE A 45 4.46 21.32 -3.12
C ILE A 45 3.93 21.03 -1.73
N VAL A 46 3.68 19.75 -1.42
CA VAL A 46 3.09 19.46 -0.11
C VAL A 46 4.10 19.69 1.01
N THR A 47 5.39 19.39 0.77
CA THR A 47 6.39 19.73 1.78
C THR A 47 6.49 21.23 1.99
N HIS A 48 6.53 22.01 0.91
CA HIS A 48 6.62 23.46 1.00
C HIS A 48 5.38 24.09 1.60
N LEU A 49 4.23 23.42 1.52
CA LEU A 49 3.03 23.91 2.16
C LEU A 49 2.93 23.50 3.60
N TYR A 50 3.55 22.38 3.98
CA TYR A 50 3.62 21.98 5.38
C TYR A 50 4.59 22.86 6.16
N VAL A 51 5.70 23.25 5.53
CA VAL A 51 6.80 23.85 6.27
C VAL A 51 6.41 25.19 6.86
N GLN A 52 5.83 26.09 6.06
CA GLN A 52 5.60 27.44 6.55
C GLN A 52 4.47 27.49 7.58
N GLU A 53 3.54 26.55 7.53
CA GLU A 53 2.55 26.45 8.60
C GLU A 53 3.21 26.10 9.93
N MET A 54 4.17 25.17 9.90
CA MET A 54 4.90 24.88 11.13
C MET A 54 5.76 26.07 11.56
N ILE A 55 6.24 26.87 10.60
CA ILE A 55 6.92 28.12 10.95
C ILE A 55 5.97 29.04 11.70
N LYS A 56 4.74 29.18 11.19
CA LYS A 56 3.74 29.98 11.88
C LYS A 56 3.46 29.46 13.28
N ASP A 57 3.29 28.14 13.40
CA ASP A 57 2.94 27.56 14.69
C ASP A 57 4.07 27.70 15.69
N PHE A 58 5.30 27.50 15.22
CA PHE A 58 6.46 27.73 16.08
C PHE A 58 6.52 29.17 16.56
N PHE A 59 6.33 30.13 15.65
CA PHE A 59 6.39 31.53 16.07
C PHE A 59 5.26 31.86 17.04
N TYR A 60 4.06 31.36 16.77
CA TYR A 60 2.94 31.58 17.67
C TYR A 60 3.24 31.05 19.06
N LEU A 61 3.75 29.84 19.17
CA LEU A 61 3.96 29.31 20.50
C LEU A 61 5.17 29.95 21.17
N SER A 62 6.14 30.43 20.39
CA SER A 62 7.33 31.04 20.96
C SER A 62 7.01 32.42 21.53
N GLU A 63 6.42 33.30 20.73
CA GLU A 63 6.20 34.66 21.21
C GLU A 63 4.79 35.14 20.88
N GLY A 64 3.85 34.20 20.79
CA GLY A 64 2.44 34.55 20.80
C GLY A 64 1.99 35.51 19.73
N ILE A 65 2.67 35.53 18.58
CA ILE A 65 2.30 36.46 17.53
C ILE A 65 1.32 35.78 16.59
N LYS A 66 0.26 36.49 16.21
CA LYS A 66 -0.69 35.99 15.22
C LYS A 66 -0.14 36.19 13.80
N TYR A 67 0.98 35.52 13.53
CA TYR A 67 1.55 35.52 12.19
C TYR A 67 0.60 34.80 11.25
N LYS A 68 0.65 35.16 9.97
CA LYS A 68 -0.20 34.56 8.97
C LYS A 68 0.52 34.48 7.63
N LEU A 69 -0.02 33.66 6.74
CA LEU A 69 0.53 33.47 5.41
C LEU A 69 -0.14 34.42 4.43
N ALA A 70 0.61 35.39 3.93
CA ALA A 70 0.13 36.35 2.95
C ALA A 70 1.33 37.11 2.41
N ASP A 71 1.06 37.96 1.42
CA ASP A 71 2.09 38.89 0.97
C ASP A 71 2.34 39.94 2.05
N GLU A 72 3.59 40.05 2.48
CA GLU A 72 3.93 41.08 3.46
C GLU A 72 3.68 42.48 2.90
N LYS A 73 3.73 42.64 1.59
CA LYS A 73 3.39 43.93 0.98
C LYS A 73 1.94 44.30 1.19
N LYS A 74 1.09 43.35 1.59
CA LYS A 74 -0.31 43.62 1.85
C LYS A 74 -0.71 43.34 3.28
N ASP A 75 0.15 42.71 4.08
CA ASP A 75 -0.18 42.43 5.47
C ASP A 75 1.05 42.63 6.34
N GLU A 76 0.86 43.31 7.46
CA GLU A 76 1.98 43.57 8.38
C GLU A 76 2.48 42.28 9.02
N LYS A 77 1.56 41.43 9.47
CA LYS A 77 1.93 40.21 10.17
C LYS A 77 2.29 39.06 9.22
N GLY A 78 2.06 39.22 7.92
CA GLY A 78 2.34 38.14 6.99
C GLY A 78 3.82 37.83 6.91
N ILE A 79 4.13 36.57 6.62
CA ILE A 79 5.51 36.10 6.56
C ILE A 79 5.98 35.82 5.15
N LEU A 80 5.09 35.81 4.16
CA LEU A 80 5.49 35.50 2.80
C LEU A 80 5.67 36.78 1.99
N GLN A 81 6.61 36.73 1.04
CA GLN A 81 6.97 37.88 0.22
C GLN A 81 6.04 38.06 -0.98
N ARG A 82 5.11 37.15 -1.18
CA ARG A 82 4.10 37.27 -2.23
C ARG A 82 2.95 36.34 -1.87
N SER A 83 2.01 36.18 -2.79
CA SER A 83 0.90 35.27 -2.55
C SER A 83 1.40 33.85 -2.42
N ARG A 84 0.79 33.09 -1.50
CA ARG A 84 1.30 31.78 -1.13
C ARG A 84 1.31 30.83 -2.32
N MET A 85 0.25 30.85 -3.12
CA MET A 85 0.19 29.97 -4.28
C MET A 85 1.33 30.29 -5.23
N ASN A 86 1.60 31.58 -5.43
CA ASN A 86 2.74 31.98 -6.25
C ASN A 86 4.04 31.53 -5.62
N THR A 87 4.12 31.47 -4.29
CA THR A 87 5.34 30.97 -3.65
C THR A 87 5.62 29.52 -4.03
N THR A 88 4.63 28.65 -3.85
CA THR A 88 4.84 27.23 -4.16
C THR A 88 5.09 27.05 -5.65
N TYR A 89 4.32 27.72 -6.50
CA TYR A 89 4.52 27.61 -7.93
C TYR A 89 5.90 28.11 -8.34
N ARG A 90 6.38 29.20 -7.74
CA ARG A 90 7.67 29.74 -8.11
C ARG A 90 8.80 28.81 -7.69
N VAL A 91 8.72 28.27 -6.47
CA VAL A 91 9.81 27.39 -6.04
C VAL A 91 9.86 26.14 -6.90
N VAL A 92 8.70 25.56 -7.22
CA VAL A 92 8.74 24.35 -8.05
C VAL A 92 9.18 24.66 -9.47
N SER A 93 8.75 25.81 -10.01
CA SER A 93 9.15 26.19 -11.35
C SER A 93 10.65 26.42 -11.44
N ASP A 94 11.22 27.06 -10.42
CA ASP A 94 12.66 27.26 -10.41
C ASP A 94 13.39 25.93 -10.32
N ARG A 95 12.91 25.03 -9.47
CA ARG A 95 13.61 23.76 -9.30
C ARG A 95 13.50 22.85 -10.51
N PHE A 96 12.46 22.97 -11.33
CA PHE A 96 12.28 22.03 -12.43
C PHE A 96 11.94 22.69 -13.75
N LYS A 97 12.44 23.88 -14.04
CA LYS A 97 12.17 24.49 -15.33
C LYS A 97 12.99 23.81 -16.42
N GLY A 98 12.50 23.94 -17.65
CA GLY A 98 13.23 23.48 -18.81
C GLY A 98 13.14 22.00 -19.09
N GLU A 99 12.42 21.24 -18.26
CA GLU A 99 12.23 19.81 -18.49
C GLU A 99 10.79 19.49 -18.88
N MET A 100 9.83 20.09 -18.20
CA MET A 100 8.41 19.88 -18.46
C MET A 100 7.69 21.21 -18.45
N PRO A 101 6.60 21.34 -19.21
CA PRO A 101 5.93 22.63 -19.33
C PRO A 101 5.39 23.11 -18.00
N THR A 102 5.39 24.43 -17.81
CA THR A 102 5.02 25.02 -16.54
C THR A 102 3.52 24.97 -16.27
N ASN A 103 2.71 24.59 -17.26
CA ASN A 103 1.27 24.47 -16.97
C ASN A 103 0.98 23.22 -16.16
N ILE A 104 1.80 22.17 -16.27
CA ILE A 104 1.67 21.04 -15.36
C ILE A 104 1.77 21.51 -13.93
N LEU A 105 2.74 22.39 -13.65
CA LEU A 105 2.87 23.02 -12.34
C LEU A 105 1.73 23.97 -12.02
N SER A 106 1.32 24.83 -12.93
CA SER A 106 0.27 25.80 -12.67
C SER A 106 -1.09 25.15 -12.46
N THR A 107 -1.25 23.89 -12.87
CA THR A 107 -2.48 23.15 -12.63
C THR A 107 -2.34 22.11 -11.52
N LEU A 108 -1.11 21.71 -11.17
CA LEU A 108 -0.89 20.83 -10.03
C LEU A 108 -0.92 21.60 -8.72
N ASN A 109 -0.31 22.79 -8.73
CA ASN A 109 -0.19 23.58 -7.51
C ASN A 109 -1.57 24.02 -7.02
N HIS A 110 -2.46 24.36 -7.95
CA HIS A 110 -3.82 24.73 -7.56
C HIS A 110 -4.51 23.57 -6.88
N GLY A 111 -4.41 22.38 -7.45
CA GLY A 111 -5.07 21.22 -6.87
C GLY A 111 -4.53 20.89 -5.49
N LEU A 112 -3.22 21.05 -5.30
CA LEU A 112 -2.64 20.73 -4.01
C LEU A 112 -2.94 21.77 -2.93
N ILE A 113 -2.86 23.06 -3.26
CA ILE A 113 -3.24 24.07 -2.28
C ILE A 113 -4.72 24.05 -1.94
N SER A 114 -5.59 23.76 -2.91
CA SER A 114 -7.01 23.64 -2.58
C SER A 114 -7.26 22.54 -1.57
N SER A 115 -6.59 21.39 -1.70
CA SER A 115 -6.82 20.29 -0.77
C SER A 115 -6.12 20.51 0.56
N PHE A 116 -4.96 21.18 0.55
CA PHE A 116 -4.24 21.42 1.79
C PHE A 116 -5.04 22.32 2.73
N ASN A 117 -5.76 23.29 2.18
CA ASN A 117 -6.59 24.14 3.02
C ASN A 117 -7.68 23.33 3.72
N LYS A 118 -8.27 22.37 3.02
CA LYS A 118 -9.35 21.60 3.61
C LYS A 118 -8.82 20.53 4.57
N ASN A 119 -7.55 20.15 4.43
CA ASN A 119 -6.93 19.27 5.41
C ASN A 119 -6.12 20.02 6.46
N ARG A 120 -6.16 21.35 6.44
CA ARG A 120 -5.34 22.17 7.32
C ARG A 120 -5.56 21.86 8.81
N VAL A 121 -6.82 21.81 9.22
CA VAL A 121 -7.12 21.62 10.64
C VAL A 121 -6.61 20.26 11.10
N GLN A 122 -6.71 19.24 10.24
CA GLN A 122 -6.28 17.91 10.61
C GLN A 122 -4.77 17.78 10.58
N TYR A 123 -4.10 18.60 9.77
CA TYR A 123 -2.64 18.59 9.80
C TYR A 123 -2.11 19.31 11.02
N TRP A 124 -2.78 20.39 11.43
CA TRP A 124 -2.42 21.04 12.68
C TRP A 124 -2.68 20.11 13.87
N LYS A 125 -3.84 19.46 13.89
CA LYS A 125 -4.16 18.55 14.98
C LYS A 125 -3.25 17.32 14.96
N GLY A 126 -3.26 16.58 13.86
CA GLY A 126 -2.30 15.53 13.65
C GLY A 126 -2.78 14.12 13.36
N GLU A 127 -3.91 13.94 12.69
CA GLU A 127 -4.32 12.59 12.31
C GLU A 127 -4.05 12.26 10.85
N ARG A 128 -3.33 13.09 10.11
CA ARG A 128 -3.07 12.80 8.71
C ARG A 128 -1.59 12.98 8.42
N SER A 129 -1.06 12.14 7.54
CA SER A 129 0.33 12.26 7.12
C SER A 129 0.43 13.09 5.86
N LEU A 130 1.58 13.71 5.67
CA LEU A 130 1.85 14.41 4.43
C LEU A 130 1.77 13.41 3.28
N PRO A 131 1.05 13.75 2.21
CA PRO A 131 0.92 12.81 1.10
C PRO A 131 2.27 12.45 0.52
N ASN A 132 2.41 11.18 0.15
CA ASN A 132 3.59 10.65 -0.48
C ASN A 132 3.16 10.28 -1.89
N PHE A 133 3.27 11.23 -2.80
CA PHE A 133 2.75 11.02 -4.15
C PHE A 133 3.49 9.89 -4.83
N LYS A 134 2.72 8.99 -5.45
CA LYS A 134 3.32 7.83 -6.10
C LYS A 134 3.91 8.21 -7.45
N LYS A 135 4.76 7.33 -7.97
CA LYS A 135 5.42 7.55 -9.24
C LYS A 135 4.52 7.31 -10.44
N ASP A 136 3.42 6.58 -10.28
CA ASP A 136 2.49 6.35 -11.37
C ASP A 136 1.37 7.37 -11.40
N MET A 137 1.53 8.48 -10.69
CA MET A 137 0.52 9.52 -10.70
C MET A 137 0.42 10.13 -12.10
N ALA A 138 -0.82 10.33 -12.55
CA ALA A 138 -1.04 11.00 -13.82
C ALA A 138 -0.79 12.49 -13.68
N PHE A 139 -0.01 13.05 -14.58
CA PHE A 139 0.27 14.47 -14.43
C PHE A 139 -0.86 15.31 -15.02
N PRO A 140 -1.43 16.22 -14.23
CA PRO A 140 -2.55 17.03 -14.73
C PRO A 140 -2.09 18.15 -15.66
N PHE A 141 -2.98 18.58 -16.54
CA PHE A 141 -2.69 19.66 -17.46
C PHE A 141 -3.97 20.44 -17.75
N GLY A 142 -3.79 21.68 -18.23
CA GLY A 142 -4.89 22.57 -18.50
C GLY A 142 -5.15 22.75 -19.99
N LEU A 143 -6.17 23.58 -20.29
CA LEU A 143 -6.61 23.75 -21.67
C LEU A 143 -5.54 24.39 -22.54
N GLN A 144 -4.52 24.97 -21.93
CA GLN A 144 -3.42 25.59 -22.68
C GLN A 144 -2.58 24.52 -23.37
N GLY A 145 -2.92 23.25 -23.18
CA GLY A 145 -2.18 22.15 -23.77
C GLY A 145 -2.78 21.63 -25.06
N ILE A 146 -4.08 21.84 -25.23
CA ILE A 146 -4.76 21.46 -26.47
C ILE A 146 -4.76 22.65 -27.41
N SER A 147 -4.36 22.41 -28.65
CA SER A 147 -4.35 23.45 -29.67
C SER A 147 -4.49 22.81 -31.03
N ARG A 148 -5.14 23.52 -31.94
CA ARG A 148 -5.32 23.09 -33.33
C ARG A 148 -6.08 21.78 -33.41
N LEU A 149 -7.08 21.62 -32.55
CA LEU A 149 -7.89 20.40 -32.56
C LEU A 149 -8.81 20.42 -33.78
N VAL A 150 -8.72 19.38 -34.60
CA VAL A 150 -9.43 19.32 -35.87
C VAL A 150 -9.65 17.86 -36.25
N TYR A 151 -10.58 17.62 -37.16
CA TYR A 151 -10.86 16.29 -37.68
C TYR A 151 -10.14 16.15 -39.02
N ASP A 152 -9.17 15.24 -39.08
CA ASP A 152 -8.39 15.00 -40.28
C ASP A 152 -8.97 13.78 -40.97
N GLU A 153 -9.65 14.00 -42.09
CA GLU A 153 -10.36 12.92 -42.76
C GLU A 153 -9.41 11.94 -43.42
N GLU A 154 -8.15 12.34 -43.64
CA GLU A 154 -7.18 11.40 -44.20
C GLU A 154 -6.92 10.25 -43.23
N LYS A 155 -6.86 10.56 -41.94
CA LYS A 155 -6.60 9.56 -40.91
C LYS A 155 -7.85 9.18 -40.13
N LYS A 156 -8.95 9.89 -40.32
CA LYS A 156 -10.21 9.63 -39.61
C LYS A 156 -10.01 9.60 -38.09
N ALA A 157 -9.23 10.55 -37.59
CA ALA A 157 -8.96 10.65 -36.17
C ALA A 157 -8.76 12.10 -35.80
N PHE A 158 -9.11 12.44 -34.57
CA PHE A 158 -8.94 13.81 -34.11
C PHE A 158 -7.47 14.12 -33.89
N CYS A 159 -7.00 15.22 -34.46
CA CYS A 159 -5.60 15.61 -34.40
C CYS A 159 -5.44 16.90 -33.61
N PHE A 160 -4.47 16.90 -32.70
CA PHE A 160 -4.20 18.08 -31.87
C PHE A 160 -2.74 18.02 -31.44
N ARG A 161 -2.25 19.17 -30.96
CA ARG A 161 -0.87 19.31 -30.53
C ARG A 161 -0.83 19.55 -29.02
N LEU A 162 -0.51 18.50 -28.28
CA LEU A 162 -0.45 18.54 -26.82
C LEU A 162 0.94 19.02 -26.41
N TYR A 163 1.08 20.34 -26.30
CA TYR A 163 2.34 20.98 -25.91
C TYR A 163 3.45 20.62 -26.90
N ARG A 164 3.26 21.06 -28.13
CA ARG A 164 4.26 20.93 -29.21
C ARG A 164 4.62 19.48 -29.49
N VAL A 165 3.71 18.57 -29.15
CA VAL A 165 3.84 17.19 -29.62
C VAL A 165 2.49 16.81 -30.22
N PRO A 166 2.46 16.34 -31.46
CA PRO A 166 1.17 16.01 -32.09
C PRO A 166 0.58 14.73 -31.55
N PHE A 167 -0.73 14.62 -31.71
CA PHE A 167 -1.46 13.44 -31.24
C PHE A 167 -2.71 13.21 -32.08
N LYS A 168 -2.85 11.99 -32.58
CA LYS A 168 -4.08 11.54 -33.22
C LYS A 168 -4.88 10.76 -32.19
N THR A 169 -6.20 10.84 -32.25
CA THR A 169 -7.02 10.17 -31.26
C THR A 169 -7.39 8.77 -31.73
N TYR A 170 -7.08 7.78 -30.89
CA TYR A 170 -7.37 6.37 -31.20
C TYR A 170 -8.69 5.97 -30.53
N LEU A 171 -9.78 6.57 -31.02
CA LEU A 171 -11.10 6.24 -30.50
C LEU A 171 -11.50 4.80 -30.81
N GLY A 172 -10.87 4.18 -31.80
CA GLY A 172 -11.25 2.84 -32.18
C GLY A 172 -12.69 2.80 -32.64
N LYS A 173 -13.44 1.82 -32.13
CA LYS A 173 -14.82 1.63 -32.54
C LYS A 173 -15.78 2.34 -31.59
N ASP A 174 -15.58 3.66 -31.50
CA ASP A 174 -16.36 4.54 -30.65
C ASP A 174 -16.94 5.68 -31.46
N PHE A 175 -17.58 5.35 -32.57
CA PHE A 175 -18.12 6.35 -33.47
C PHE A 175 -19.37 7.03 -32.94
N THR A 176 -19.82 6.71 -31.72
CA THR A 176 -21.04 7.31 -31.21
C THR A 176 -20.89 7.91 -29.82
N ASP A 177 -20.00 7.35 -29.00
CA ASP A 177 -19.93 7.72 -27.59
C ASP A 177 -19.07 8.96 -27.36
N LYS A 178 -17.78 8.88 -27.67
CA LYS A 178 -16.88 10.00 -27.49
C LYS A 178 -16.55 10.71 -28.80
N ARG A 179 -16.84 10.11 -29.95
CA ARG A 179 -16.58 10.78 -31.22
C ARG A 179 -17.42 12.05 -31.33
N MET A 180 -18.61 12.04 -30.75
CA MET A 180 -19.47 13.21 -30.70
C MET A 180 -18.99 14.24 -29.70
N LEU A 181 -18.48 13.82 -28.54
CA LEU A 181 -18.08 14.71 -27.48
C LEU A 181 -16.88 15.57 -27.88
N LEU A 182 -15.92 15.00 -28.59
CA LEU A 182 -14.78 15.78 -29.05
C LEU A 182 -15.16 16.69 -30.20
N GLU A 183 -16.01 16.21 -31.10
CA GLU A 183 -16.54 17.08 -32.15
C GLU A 183 -17.27 18.27 -31.55
N ARG A 184 -17.88 18.08 -30.38
CA ARG A 184 -18.56 19.14 -29.66
C ARG A 184 -17.54 20.14 -29.13
N LEU A 185 -16.30 19.71 -28.94
CA LEU A 185 -15.27 20.59 -28.43
C LEU A 185 -14.48 21.29 -29.52
N VAL A 186 -14.42 20.70 -30.72
CA VAL A 186 -13.79 21.38 -31.84
C VAL A 186 -14.54 22.67 -32.17
N LYS A 187 -15.87 22.62 -32.19
CA LYS A 187 -16.69 23.74 -32.63
C LYS A 187 -17.34 24.49 -31.47
N GLY A 188 -16.94 24.20 -30.24
CA GLY A 188 -17.44 24.94 -29.10
C GLY A 188 -18.88 24.66 -28.72
N ASP A 189 -19.20 23.39 -28.45
CA ASP A 189 -20.47 23.04 -27.83
C ASP A 189 -20.32 22.29 -26.52
N VAL A 190 -19.12 21.91 -26.12
CA VAL A 190 -18.88 21.31 -24.82
C VAL A 190 -17.65 21.98 -24.23
N LYS A 191 -17.55 21.95 -22.91
CA LYS A 191 -16.44 22.57 -22.19
C LYS A 191 -15.52 21.49 -21.68
N LEU A 192 -14.22 21.69 -21.87
CA LEU A 192 -13.20 20.79 -21.36
C LEU A 192 -12.51 21.40 -20.17
N CYS A 193 -12.47 20.66 -19.08
CA CYS A 193 -11.80 21.09 -17.87
C CYS A 193 -10.37 20.56 -17.87
N ALA A 194 -9.57 21.05 -16.94
CA ALA A 194 -8.17 20.67 -16.86
C ALA A 194 -8.04 19.16 -16.62
N SER A 195 -7.47 18.46 -17.58
CA SER A 195 -7.51 17.01 -17.61
C SER A 195 -6.24 16.40 -17.03
N ASN A 196 -6.20 15.07 -16.99
CA ASN A 196 -5.04 14.32 -16.56
C ASN A 196 -4.62 13.36 -17.66
N ILE A 197 -3.33 13.02 -17.67
CA ILE A 197 -2.73 12.20 -18.70
C ILE A 197 -2.01 11.03 -18.05
N GLN A 198 -2.38 9.82 -18.45
CA GLN A 198 -1.87 8.59 -17.87
C GLN A 198 -0.87 7.98 -18.84
N LEU A 199 0.09 7.22 -18.29
CA LEU A 199 0.98 6.40 -19.08
C LEU A 199 1.06 5.03 -18.44
N ASN A 200 0.68 3.99 -19.17
CA ASN A 200 0.61 2.64 -18.66
C ASN A 200 1.23 1.68 -19.66
N GLY A 201 2.55 1.52 -19.61
CA GLY A 201 3.21 0.49 -20.39
C GLY A 201 3.11 0.65 -21.89
N GLY A 202 3.38 1.85 -22.39
CA GLY A 202 3.40 2.08 -23.82
C GLY A 202 2.09 2.53 -24.42
N LYS A 203 1.10 2.87 -23.62
CA LYS A 203 -0.15 3.42 -24.10
C LYS A 203 -0.49 4.69 -23.34
N ILE A 204 -0.77 5.76 -24.07
CA ILE A 204 -1.12 7.05 -23.50
C ILE A 204 -2.63 7.14 -23.39
N PHE A 205 -3.12 7.67 -22.28
CA PHE A 205 -4.55 7.83 -22.09
C PHE A 205 -4.84 9.25 -21.66
N TRP A 206 -5.79 9.88 -22.34
CA TRP A 206 -6.18 11.26 -22.10
C TRP A 206 -7.45 11.26 -21.26
N LEU A 207 -7.30 11.44 -19.95
CA LEU A 207 -8.45 11.48 -19.04
C LEU A 207 -9.05 12.87 -19.14
N ALA A 208 -9.84 13.10 -20.17
CA ALA A 208 -10.47 14.39 -20.40
C ALA A 208 -11.64 14.57 -19.43
N VAL A 209 -11.67 15.71 -18.75
CA VAL A 209 -12.75 16.03 -17.83
C VAL A 209 -13.64 17.09 -18.48
N PHE A 210 -14.87 16.69 -18.79
CA PHE A 210 -15.86 17.51 -19.46
C PHE A 210 -16.87 18.03 -18.45
N GLU A 211 -17.95 18.64 -18.94
CA GLU A 211 -19.06 19.08 -18.11
C GLU A 211 -20.37 18.69 -18.79
N ILE A 212 -20.89 17.54 -18.42
CA ILE A 212 -22.07 16.97 -19.08
C ILE A 212 -23.33 17.56 -18.47
N GLU A 213 -24.21 18.06 -19.31
CA GLU A 213 -25.44 18.65 -18.83
C GLU A 213 -26.37 17.57 -18.27
N LYS A 214 -27.31 17.99 -17.44
CA LYS A 214 -28.29 17.07 -16.91
C LYS A 214 -29.24 16.63 -18.02
N GLU A 215 -29.95 15.55 -17.75
CA GLU A 215 -30.97 15.05 -18.67
C GLU A 215 -32.33 15.27 -18.05
N LYS A 216 -33.16 16.07 -18.72
CA LYS A 216 -34.48 16.42 -18.21
C LYS A 216 -35.47 15.32 -18.60
N HIS A 217 -35.89 14.55 -17.60
CA HIS A 217 -36.73 13.38 -17.80
C HIS A 217 -38.17 13.70 -17.40
N SER A 218 -39.08 12.79 -17.75
CA SER A 218 -40.47 12.88 -17.33
C SER A 218 -40.58 12.21 -15.97
N LEU A 219 -40.05 12.89 -14.97
CA LEU A 219 -39.99 12.37 -13.60
C LEU A 219 -41.15 12.88 -12.78
N LYS A 220 -41.75 11.98 -12.00
CA LYS A 220 -42.75 12.35 -11.01
C LYS A 220 -42.14 12.16 -9.63
N PRO A 221 -41.73 13.23 -8.95
CA PRO A 221 -41.14 13.07 -7.62
C PRO A 221 -42.11 12.46 -6.61
N GLU A 222 -43.42 12.56 -6.86
CA GLU A 222 -44.37 11.94 -5.96
C GLU A 222 -44.24 10.42 -5.94
N VAL A 223 -43.79 9.83 -7.05
CA VAL A 223 -43.49 8.41 -7.06
C VAL A 223 -42.18 8.15 -6.34
N ILE A 224 -42.19 7.20 -5.41
CA ILE A 224 -41.04 6.92 -4.55
C ILE A 224 -40.59 5.49 -4.81
N ALA A 225 -39.29 5.31 -4.98
CA ALA A 225 -38.71 4.00 -5.23
C ALA A 225 -37.91 3.57 -4.01
N GLU A 226 -38.18 2.37 -3.51
CA GLU A 226 -37.56 1.85 -2.31
C GLU A 226 -36.52 0.81 -2.73
N ALA A 227 -35.29 0.97 -2.24
CA ALA A 227 -34.20 0.06 -2.55
C ALA A 227 -33.60 -0.49 -1.27
N SER A 228 -33.28 -1.79 -1.27
CA SER A 228 -32.62 -2.44 -0.15
C SER A 228 -31.34 -3.12 -0.64
N LEU A 229 -30.25 -2.89 0.07
CA LEU A 229 -28.94 -3.38 -0.32
C LEU A 229 -28.52 -4.49 0.63
N SER A 230 -28.09 -5.62 0.07
CA SER A 230 -27.67 -6.75 0.88
C SER A 230 -26.54 -7.47 0.18
N LEU A 231 -25.76 -8.23 0.97
CA LEU A 231 -24.78 -9.11 0.38
C LEU A 231 -25.38 -10.43 -0.08
N GLU A 232 -26.67 -10.65 0.19
CA GLU A 232 -27.37 -11.79 -0.39
C GLU A 232 -27.96 -11.42 -1.75
N TYR A 233 -28.75 -10.38 -1.80
CA TYR A 233 -29.21 -9.79 -3.06
C TYR A 233 -28.63 -8.38 -3.11
N PRO A 234 -27.78 -8.08 -4.10
CA PRO A 234 -27.14 -6.75 -4.10
C PRO A 234 -28.12 -5.60 -4.00
N ILE A 235 -29.03 -5.49 -4.96
CA ILE A 235 -30.03 -4.42 -4.97
C ILE A 235 -31.38 -5.09 -5.11
N VAL A 236 -32.33 -4.66 -4.27
CA VAL A 236 -33.74 -5.00 -4.44
C VAL A 236 -34.54 -3.72 -4.40
N VAL A 237 -35.34 -3.47 -5.41
CA VAL A 237 -36.02 -2.18 -5.56
C VAL A 237 -37.53 -2.39 -5.70
N LYS A 238 -38.29 -1.49 -5.09
CA LYS A 238 -39.74 -1.53 -5.08
C LYS A 238 -40.31 -0.24 -5.68
N THR A 239 -41.32 -0.37 -6.52
CA THR A 239 -42.03 0.79 -7.06
C THR A 239 -43.48 0.36 -7.28
N GLY A 240 -44.31 0.63 -6.27
CA GLY A 240 -45.68 0.16 -6.30
C GLY A 240 -45.74 -1.36 -6.35
N LYS A 241 -46.22 -1.90 -7.46
CA LYS A 241 -46.25 -3.34 -7.68
C LYS A 241 -45.07 -3.81 -8.51
N ASN A 242 -44.13 -2.92 -8.81
CA ASN A 242 -43.00 -3.23 -9.69
C ASN A 242 -41.75 -3.48 -8.84
N ARG A 243 -41.08 -4.58 -9.11
CA ARG A 243 -39.87 -4.98 -8.40
C ARG A 243 -38.86 -5.54 -9.40
N LEU A 244 -37.60 -5.18 -9.21
CA LEU A 244 -36.52 -5.76 -10.01
C LEU A 244 -35.39 -6.17 -9.09
N THR A 245 -34.98 -7.42 -9.19
CA THR A 245 -33.81 -7.92 -8.47
C THR A 245 -32.60 -7.68 -9.35
N ILE A 246 -31.63 -6.94 -8.81
CA ILE A 246 -30.48 -6.51 -9.59
C ILE A 246 -29.27 -7.30 -9.13
N GLY A 247 -28.74 -8.12 -10.01
CA GLY A 247 -27.57 -8.90 -9.64
C GLY A 247 -27.92 -10.10 -8.78
N THR A 248 -26.96 -11.01 -8.67
CA THR A 248 -27.10 -12.22 -7.88
C THR A 248 -25.92 -12.37 -6.93
N LYS A 249 -26.15 -13.14 -5.86
CA LYS A 249 -25.08 -13.44 -4.93
C LYS A 249 -23.96 -14.20 -5.63
N GLU A 250 -24.32 -15.18 -6.46
CA GLU A 250 -23.33 -15.96 -7.19
C GLU A 250 -22.48 -15.07 -8.09
N GLU A 251 -23.11 -14.13 -8.78
CA GLU A 251 -22.37 -13.32 -9.76
C GLU A 251 -21.42 -12.35 -9.09
N PHE A 252 -21.80 -11.75 -7.97
CA PHE A 252 -20.96 -10.75 -7.32
C PHE A 252 -20.10 -11.34 -6.20
N LEU A 253 -20.73 -11.85 -5.14
CA LEU A 253 -19.97 -12.27 -3.97
C LEU A 253 -19.15 -13.51 -4.26
N TYR A 254 -19.77 -14.50 -4.89
CA TYR A 254 -19.07 -15.76 -5.12
C TYR A 254 -17.93 -15.60 -6.12
N ARG A 255 -18.15 -14.76 -7.14
CA ARG A 255 -17.07 -14.46 -8.07
C ARG A 255 -15.92 -13.75 -7.38
N ARG A 256 -16.22 -12.77 -6.53
CA ARG A 256 -15.14 -12.07 -5.83
C ARG A 256 -14.38 -13.01 -4.90
N LEU A 257 -15.09 -13.91 -4.22
CA LEU A 257 -14.42 -14.87 -3.35
C LEU A 257 -13.54 -15.81 -4.15
N ALA A 258 -14.01 -16.24 -5.32
CA ALA A 258 -13.18 -17.09 -6.17
C ALA A 258 -11.94 -16.34 -6.63
N ILE A 259 -12.09 -15.05 -6.94
CA ILE A 259 -10.94 -14.27 -7.37
C ILE A 259 -9.91 -14.18 -6.26
N GLN A 260 -10.37 -13.92 -5.04
CA GLN A 260 -9.45 -13.91 -3.90
C GLN A 260 -8.83 -15.28 -3.69
N ALA A 261 -9.59 -16.34 -3.93
CA ALA A 261 -9.03 -17.68 -3.83
C ALA A 261 -7.89 -17.88 -4.81
N ALA A 262 -8.05 -17.37 -6.04
CA ALA A 262 -6.97 -17.42 -7.01
C ALA A 262 -5.77 -16.60 -6.55
N ARG A 263 -6.01 -15.40 -6.02
CA ARG A 263 -4.90 -14.56 -5.58
C ARG A 263 -4.13 -15.24 -4.46
N ARG A 264 -4.84 -15.90 -3.54
CA ARG A 264 -4.17 -16.54 -2.42
C ARG A 264 -3.48 -17.82 -2.88
N ARG A 265 -4.08 -18.53 -3.84
CA ARG A 265 -3.44 -19.66 -4.50
C ARG A 265 -2.07 -19.24 -5.02
N THR A 266 -2.04 -18.10 -5.74
CA THR A 266 -0.82 -17.63 -6.37
C THR A 266 0.18 -17.11 -5.34
N GLN A 267 -0.30 -16.43 -4.30
CA GLN A 267 0.61 -15.93 -3.26
C GLN A 267 1.28 -17.08 -2.53
N VAL A 268 0.53 -18.15 -2.25
CA VAL A 268 1.11 -19.32 -1.60
C VAL A 268 2.07 -20.01 -2.54
N GLY A 269 1.72 -20.12 -3.82
CA GLY A 269 2.59 -20.74 -4.79
C GLY A 269 3.75 -19.92 -5.28
N ALA A 270 3.83 -18.65 -4.90
CA ALA A 270 4.92 -17.80 -5.37
C ALA A 270 6.22 -18.06 -4.63
N THR A 271 6.18 -18.83 -3.54
CA THR A 271 7.38 -19.02 -2.74
C THR A 271 8.43 -19.80 -3.50
N TYR A 272 8.01 -20.71 -4.37
CA TYR A 272 8.95 -21.60 -5.05
C TYR A 272 9.08 -21.27 -6.54
N SER A 273 8.63 -20.10 -6.96
CA SER A 273 8.80 -19.64 -8.33
C SER A 273 10.22 -19.10 -8.49
N ARG A 274 10.49 -18.47 -9.63
CA ARG A 274 11.85 -18.11 -9.98
C ARG A 274 12.43 -17.19 -8.93
N SER A 275 13.44 -17.67 -8.23
CA SER A 275 14.01 -16.97 -7.09
C SER A 275 15.43 -16.54 -7.42
N GLY A 276 16.00 -15.73 -6.53
CA GLY A 276 17.32 -15.20 -6.74
C GLY A 276 17.40 -14.03 -7.70
N LYS A 277 16.29 -13.33 -7.92
CA LYS A 277 16.25 -12.24 -8.89
C LYS A 277 15.42 -11.07 -8.39
N GLY A 278 15.11 -11.02 -7.11
CA GLY A 278 14.42 -9.91 -6.51
C GLY A 278 12.97 -10.22 -6.21
N LYS A 279 12.35 -9.34 -5.43
CA LYS A 279 10.97 -9.56 -5.05
C LYS A 279 10.02 -9.39 -6.22
N LYS A 280 10.32 -8.44 -7.12
CA LYS A 280 9.40 -8.13 -8.21
C LYS A 280 9.19 -9.32 -9.12
N ARG A 281 10.27 -10.07 -9.41
CA ARG A 281 10.16 -11.21 -10.30
C ARG A 281 9.36 -12.34 -9.67
N LYS A 282 9.56 -12.62 -8.38
CA LYS A 282 8.80 -13.68 -7.74
C LYS A 282 7.32 -13.38 -7.74
N LEU A 283 6.96 -12.13 -7.50
CA LEU A 283 5.58 -11.71 -7.39
C LEU A 283 5.01 -11.17 -8.69
N LYS A 284 5.60 -11.54 -9.82
CA LYS A 284 4.99 -11.25 -11.12
C LYS A 284 3.64 -11.93 -11.22
N ALA A 285 3.56 -13.16 -10.73
CA ALA A 285 2.32 -13.91 -10.83
C ALA A 285 1.19 -13.24 -10.06
N VAL A 286 1.49 -12.60 -8.94
CA VAL A 286 0.43 -11.90 -8.21
C VAL A 286 0.28 -10.47 -8.71
N ASP A 287 1.33 -9.95 -9.37
CA ASP A 287 1.15 -8.70 -10.11
C ASP A 287 0.09 -8.85 -11.17
N LYS A 288 -0.08 -10.06 -11.74
CA LYS A 288 -1.11 -10.29 -12.73
C LYS A 288 -2.47 -9.80 -12.25
N TYR A 289 -2.79 -10.04 -10.97
CA TYR A 289 -3.99 -9.49 -10.37
C TYR A 289 -3.69 -8.13 -9.74
N HIS A 290 -3.10 -7.23 -10.53
CA HIS A 290 -2.81 -5.89 -10.01
C HIS A 290 -4.09 -5.16 -9.66
N LYS A 291 -5.09 -5.24 -10.52
CA LYS A 291 -6.32 -4.50 -10.33
C LYS A 291 -7.53 -5.30 -10.80
N THR A 292 -7.41 -6.64 -10.80
CA THR A 292 -8.49 -7.47 -11.32
C THR A 292 -9.71 -7.42 -10.40
N GLU A 293 -9.48 -7.50 -9.08
CA GLU A 293 -10.58 -7.39 -8.12
C GLU A 293 -11.29 -6.06 -8.23
N SER A 294 -10.53 -4.96 -8.21
CA SER A 294 -11.13 -3.64 -8.28
C SER A 294 -11.91 -3.48 -9.57
N ASN A 295 -11.37 -3.94 -10.69
CA ASN A 295 -12.05 -3.77 -11.97
C ASN A 295 -13.35 -4.58 -12.04
N TYR A 296 -13.30 -5.84 -11.58
CA TYR A 296 -14.51 -6.65 -11.65
C TYR A 296 -15.61 -6.08 -10.76
N VAL A 297 -15.25 -5.76 -9.51
CA VAL A 297 -16.24 -5.21 -8.59
C VAL A 297 -16.73 -3.86 -9.08
N ALA A 298 -15.84 -3.07 -9.70
CA ALA A 298 -16.21 -1.78 -10.24
C ALA A 298 -17.23 -1.93 -11.37
N HIS A 299 -17.00 -2.86 -12.28
CA HIS A 299 -17.93 -3.01 -13.39
C HIS A 299 -19.26 -3.55 -12.90
N ARG A 300 -19.24 -4.46 -11.93
CA ARG A 300 -20.50 -4.98 -11.41
C ARG A 300 -21.28 -3.88 -10.70
N ILE A 301 -20.58 -3.03 -9.94
CA ILE A 301 -21.23 -1.90 -9.28
C ILE A 301 -21.82 -0.95 -10.30
N HIS A 302 -21.08 -0.65 -11.37
CA HIS A 302 -21.59 0.24 -12.40
C HIS A 302 -22.82 -0.33 -13.08
N VAL A 303 -22.79 -1.62 -13.40
CA VAL A 303 -23.94 -2.24 -14.05
C VAL A 303 -25.15 -2.19 -13.13
N TYR A 304 -24.95 -2.48 -11.84
CA TYR A 304 -26.08 -2.43 -10.91
C TYR A 304 -26.63 -1.02 -10.80
N SER A 305 -25.75 -0.02 -10.71
CA SER A 305 -26.21 1.36 -10.60
C SER A 305 -27.00 1.77 -11.83
N ARG A 306 -26.52 1.42 -13.01
CA ARG A 306 -27.23 1.80 -14.23
C ARG A 306 -28.56 1.06 -14.33
N LYS A 307 -28.60 -0.20 -13.95
CA LYS A 307 -29.86 -0.95 -13.99
C LYS A 307 -30.87 -0.35 -13.02
N LEU A 308 -30.42 0.05 -11.83
CA LEU A 308 -31.32 0.66 -10.87
C LEU A 308 -31.85 1.99 -11.37
N ILE A 309 -30.97 2.83 -11.92
CA ILE A 309 -31.43 4.13 -12.40
C ILE A 309 -32.36 3.95 -13.59
N ASP A 310 -32.09 2.96 -14.44
CA ASP A 310 -33.02 2.65 -15.54
C ASP A 310 -34.35 2.16 -14.99
N PHE A 311 -34.31 1.43 -13.87
CA PHE A 311 -35.55 1.01 -13.22
C PHE A 311 -36.35 2.22 -12.77
N CYS A 312 -35.69 3.20 -12.15
CA CYS A 312 -36.40 4.41 -11.77
C CYS A 312 -36.93 5.15 -12.98
N ILE A 313 -36.13 5.23 -14.05
CA ILE A 313 -36.53 6.03 -15.20
C ILE A 313 -37.72 5.40 -15.91
N LYS A 314 -37.68 4.09 -16.13
CA LYS A 314 -38.77 3.43 -16.85
C LYS A 314 -40.09 3.50 -16.09
N HIS A 315 -40.03 3.53 -14.76
CA HIS A 315 -41.20 3.74 -13.92
C HIS A 315 -41.37 5.20 -13.54
N GLN A 316 -40.51 6.08 -14.04
CA GLN A 316 -40.54 7.50 -13.71
C GLN A 316 -40.49 7.72 -12.20
N ALA A 317 -39.62 6.98 -11.53
CA ALA A 317 -39.42 7.13 -10.09
C ALA A 317 -38.48 8.32 -9.86
N GLY A 318 -39.05 9.51 -9.70
CA GLY A 318 -38.27 10.71 -9.55
C GLY A 318 -37.61 10.90 -8.21
N THR A 319 -37.94 10.06 -7.23
CA THR A 319 -37.29 10.13 -5.93
C THR A 319 -36.97 8.71 -5.49
N LEU A 320 -35.73 8.47 -5.12
CA LEU A 320 -35.26 7.17 -4.67
C LEU A 320 -34.80 7.29 -3.22
N ILE A 321 -35.27 6.39 -2.37
CA ILE A 321 -34.87 6.36 -0.97
C ILE A 321 -34.25 5.01 -0.68
N LEU A 322 -33.06 5.03 -0.08
CA LEU A 322 -32.34 3.81 0.26
C LEU A 322 -32.70 3.42 1.69
N MET A 323 -33.45 2.34 1.83
CA MET A 323 -34.02 1.97 3.12
C MET A 323 -32.94 1.52 4.09
N ASN A 324 -33.04 1.99 5.33
CA ASN A 324 -32.32 1.42 6.47
C ASN A 324 -30.81 1.34 6.26
N GLN A 325 -30.25 2.22 5.42
CA GLN A 325 -28.83 2.15 5.13
C GLN A 325 -27.98 2.50 6.35
N GLU A 326 -28.48 3.34 7.26
CA GLU A 326 -27.72 3.68 8.45
C GLU A 326 -27.49 2.44 9.32
N ASP A 327 -28.52 1.62 9.49
CA ASP A 327 -28.36 0.39 10.26
C ASP A 327 -27.37 -0.56 9.58
N LYS A 328 -27.44 -0.67 8.25
CA LYS A 328 -26.50 -1.55 7.55
C LYS A 328 -25.07 -1.06 7.70
N VAL A 329 -24.86 0.25 7.61
CA VAL A 329 -23.52 0.79 7.81
C VAL A 329 -23.05 0.50 9.23
N GLY A 330 -23.94 0.65 10.21
CA GLY A 330 -23.56 0.39 11.59
C GLY A 330 -23.19 -1.06 11.83
N ILE A 331 -24.00 -1.99 11.34
CA ILE A 331 -23.73 -3.41 11.58
C ILE A 331 -22.54 -3.87 10.74
N ALA A 332 -22.35 -3.26 9.57
CA ALA A 332 -21.23 -3.65 8.71
C ALA A 332 -19.89 -3.29 9.34
N LYS A 333 -19.83 -2.16 10.03
CA LYS A 333 -18.59 -1.74 10.66
C LYS A 333 -18.14 -2.68 11.77
N GLU A 334 -19.02 -3.57 12.23
CA GLU A 334 -18.68 -4.52 13.27
C GLU A 334 -18.27 -5.89 12.72
N GLU A 335 -18.72 -6.24 11.52
CA GLU A 335 -18.38 -7.52 10.90
C GLU A 335 -17.40 -7.29 9.77
N GLU A 336 -16.26 -7.99 9.81
CA GLU A 336 -15.20 -7.74 8.86
C GLU A 336 -15.58 -8.18 7.45
N PHE A 337 -16.30 -9.29 7.34
CA PHE A 337 -16.57 -9.86 6.02
C PHE A 337 -17.41 -8.92 5.17
N VAL A 338 -18.47 -8.35 5.73
CA VAL A 338 -19.31 -7.47 4.93
C VAL A 338 -18.55 -6.22 4.52
N LEU A 339 -17.81 -5.63 5.45
CA LEU A 339 -17.10 -4.40 5.13
C LEU A 339 -16.05 -4.64 4.05
N ARG A 340 -15.36 -5.77 4.10
CA ARG A 340 -14.36 -6.11 3.10
C ARG A 340 -14.99 -6.54 1.77
N ASN A 341 -16.21 -7.09 1.80
CA ASN A 341 -16.75 -7.80 0.66
C ASN A 341 -18.06 -7.23 0.13
N TRP A 342 -18.49 -6.07 0.60
CA TRP A 342 -19.78 -5.49 0.22
C TRP A 342 -19.50 -4.03 -0.05
N SER A 343 -19.08 -3.73 -1.28
CA SER A 343 -18.61 -2.38 -1.58
C SER A 343 -19.77 -1.41 -1.57
N TYR A 344 -20.05 -0.82 -0.42
CA TYR A 344 -21.21 0.06 -0.30
C TYR A 344 -20.88 1.52 -0.50
N TYR A 345 -19.64 1.94 -0.23
CA TYR A 345 -19.29 3.32 -0.52
C TYR A 345 -19.26 3.57 -2.01
N GLU A 346 -18.65 2.68 -2.79
CA GLU A 346 -18.62 2.87 -4.23
C GLU A 346 -20.03 2.84 -4.81
N LEU A 347 -20.85 1.89 -4.37
CA LEU A 347 -22.23 1.82 -4.84
C LEU A 347 -22.99 3.08 -4.46
N MET A 348 -22.74 3.59 -3.26
CA MET A 348 -23.40 4.81 -2.80
C MET A 348 -23.02 6.01 -3.66
N THR A 349 -21.72 6.23 -3.88
CA THR A 349 -21.33 7.37 -4.70
C THR A 349 -21.80 7.23 -6.13
N LYS A 350 -21.74 6.02 -6.68
CA LYS A 350 -22.23 5.83 -8.04
C LYS A 350 -23.71 6.17 -8.12
N ILE A 351 -24.50 5.69 -7.16
CA ILE A 351 -25.94 5.96 -7.22
C ILE A 351 -26.20 7.44 -7.02
N LYS A 352 -25.46 8.07 -6.11
CA LYS A 352 -25.66 9.50 -5.87
C LYS A 352 -25.36 10.31 -7.12
N TYR A 353 -24.23 10.06 -7.76
CA TYR A 353 -23.86 10.91 -8.89
C TYR A 353 -24.69 10.58 -10.12
N LYS A 354 -25.07 9.31 -10.31
CA LYS A 354 -25.99 8.99 -11.40
C LYS A 354 -27.38 9.57 -11.18
N ALA A 355 -27.90 9.53 -9.97
CA ALA A 355 -29.21 10.10 -9.68
C ALA A 355 -29.19 11.61 -9.75
N GLU A 356 -28.10 12.23 -9.36
CA GLU A 356 -27.97 13.67 -9.48
C GLU A 356 -27.75 14.11 -10.93
N LYS A 357 -27.16 13.25 -11.74
CA LYS A 357 -27.12 13.49 -13.18
C LYS A 357 -28.50 13.38 -13.80
N ALA A 358 -29.26 12.34 -13.47
CA ALA A 358 -30.52 12.06 -14.12
C ALA A 358 -31.70 12.80 -13.50
N GLY A 359 -31.48 13.56 -12.43
CA GLY A 359 -32.54 14.32 -11.81
C GLY A 359 -33.29 13.61 -10.71
N ILE A 360 -32.96 12.35 -10.43
CA ILE A 360 -33.58 11.65 -9.31
C ILE A 360 -32.90 12.09 -8.02
N GLU A 361 -33.70 12.53 -7.06
CA GLU A 361 -33.19 12.94 -5.76
C GLU A 361 -33.01 11.71 -4.88
N LEU A 362 -31.87 11.62 -4.21
CA LEU A 362 -31.56 10.46 -3.38
C LEU A 362 -31.60 10.84 -1.92
N ILE A 363 -32.35 10.08 -1.13
CA ILE A 363 -32.46 10.28 0.31
C ILE A 363 -32.06 8.98 0.99
N ILE A 364 -31.17 9.08 1.97
CA ILE A 364 -30.65 7.94 2.69
C ILE A 364 -31.19 7.96 4.11
N GLY A 365 -31.80 6.85 4.52
CA GLY A 365 -32.33 6.72 5.86
C GLY A 365 -31.68 5.59 6.63
N MET B 1 29.54 -9.41 5.91
CA MET B 1 30.03 -8.65 7.06
C MET B 1 28.97 -7.70 7.59
N GLY B 2 27.78 -8.22 7.86
CA GLY B 2 26.74 -7.44 8.48
C GLY B 2 26.94 -7.29 9.98
N LYS B 3 26.06 -6.52 10.60
CA LYS B 3 26.13 -6.34 12.04
C LYS B 3 25.92 -7.66 12.76
N SER B 4 26.79 -7.94 13.74
CA SER B 4 26.73 -9.19 14.48
C SER B 4 25.55 -9.26 15.44
N THR B 5 24.84 -8.15 15.66
CA THR B 5 23.72 -8.11 16.59
C THR B 5 22.43 -7.86 15.81
N LEU B 6 21.38 -8.59 16.16
CA LEU B 6 20.08 -8.44 15.53
C LEU B 6 19.15 -7.62 16.42
N LYS B 7 18.19 -6.95 15.80
CA LYS B 7 17.25 -6.08 16.48
C LYS B 7 15.85 -6.68 16.40
N HIS B 8 15.23 -6.89 17.56
CA HIS B 8 13.87 -7.40 17.64
C HIS B 8 13.00 -6.41 18.40
N THR B 9 11.72 -6.40 18.05
CA THR B 9 10.78 -5.47 18.66
C THR B 9 9.58 -6.25 19.21
N ARG B 10 9.27 -6.02 20.48
CA ARG B 10 8.14 -6.64 21.15
C ARG B 10 7.14 -5.59 21.59
N LYS B 11 5.87 -5.97 21.58
CA LYS B 11 4.76 -5.11 22.02
C LYS B 11 4.28 -5.68 23.35
N ILE B 12 4.60 -4.98 24.44
CA ILE B 12 4.28 -5.44 25.77
C ILE B 12 3.37 -4.42 26.44
N GLN B 13 2.50 -4.89 27.33
CA GLN B 13 1.59 -4.02 28.08
C GLN B 13 2.21 -3.70 29.43
N ILE B 14 2.17 -2.41 29.79
CA ILE B 14 2.79 -1.92 31.02
C ILE B 14 1.76 -1.08 31.77
N LEU B 15 1.65 -1.32 33.08
CA LEU B 15 0.71 -0.57 33.91
C LEU B 15 1.45 0.26 34.95
N ILE B 16 0.74 1.20 35.52
CA ILE B 16 1.28 2.05 36.57
C ILE B 16 1.24 1.29 37.89
N ASP B 17 2.40 1.20 38.55
CA ASP B 17 2.51 0.47 39.82
C ASP B 17 2.16 1.41 40.98
N LEU B 18 0.87 1.71 41.07
CA LEU B 18 0.36 2.60 42.09
C LEU B 18 -0.88 2.00 42.73
N PRO B 19 -1.11 2.28 44.02
CA PRO B 19 -2.24 1.62 44.71
C PRO B 19 -3.59 2.19 44.32
N THR B 20 -3.72 3.51 44.23
CA THR B 20 -5.02 4.13 44.03
C THR B 20 -5.29 4.40 42.56
N LYS B 21 -6.56 4.29 42.18
CA LYS B 21 -6.94 4.51 40.79
C LYS B 21 -6.78 5.97 40.38
N ASP B 22 -6.99 6.90 41.31
CA ASP B 22 -6.83 8.31 40.98
C ASP B 22 -5.38 8.62 40.59
N GLU B 23 -4.43 8.00 41.30
CA GLU B 23 -3.02 8.17 40.96
C GLU B 23 -2.74 7.65 39.55
N LYS B 24 -3.31 6.50 39.20
CA LYS B 24 -3.15 5.97 37.85
C LYS B 24 -3.73 6.92 36.82
N LYS B 25 -4.91 7.49 37.11
CA LYS B 25 -5.54 8.42 36.19
C LYS B 25 -4.65 9.64 35.96
N GLU B 26 -4.10 10.20 37.04
CA GLU B 26 -3.22 11.35 36.90
C GLU B 26 -1.97 10.98 36.12
N VAL B 27 -1.39 9.82 36.40
CA VAL B 27 -0.17 9.41 35.70
C VAL B 27 -0.45 9.29 34.21
N MET B 28 -1.59 8.70 33.86
CA MET B 28 -1.90 8.45 32.45
C MET B 28 -2.22 9.75 31.72
N ASP B 29 -2.92 10.69 32.37
CA ASP B 29 -3.18 11.96 31.72
C ASP B 29 -1.89 12.78 31.57
N MET B 30 -0.98 12.67 32.54
CA MET B 30 0.31 13.33 32.42
C MET B 30 1.12 12.73 31.28
N MET B 31 1.04 11.41 31.09
CA MET B 31 1.69 10.79 29.95
C MET B 31 1.06 11.25 28.64
N TYR B 32 -0.25 11.50 28.62
CA TYR B 32 -0.88 12.04 27.43
C TYR B 32 -0.38 13.45 27.11
N GLN B 33 -0.20 14.27 28.14
CA GLN B 33 0.41 15.57 27.94
C GLN B 33 1.83 15.41 27.39
N TRP B 34 2.57 14.44 27.91
CA TRP B 34 3.88 14.11 27.37
C TRP B 34 3.81 13.82 25.88
N ARG B 35 2.82 13.02 25.48
CA ARG B 35 2.69 12.65 24.07
C ARG B 35 2.40 13.87 23.21
N ASP B 36 1.52 14.76 23.68
CA ASP B 36 1.23 15.96 22.92
C ASP B 36 2.48 16.81 22.75
N ARG B 37 3.25 16.95 23.83
CA ARG B 37 4.48 17.74 23.75
C ARG B 37 5.46 17.11 22.76
N CYS B 38 5.60 15.79 22.79
CA CYS B 38 6.54 15.13 21.88
C CYS B 38 6.08 15.28 20.43
N PHE B 39 4.78 15.20 20.18
CA PHE B 39 4.25 15.39 18.84
C PHE B 39 4.61 16.78 18.30
N ARG B 40 4.29 17.82 19.07
CA ARG B 40 4.56 19.17 18.61
C ARG B 40 6.06 19.39 18.42
N ALA B 41 6.87 18.91 19.37
CA ALA B 41 8.30 19.10 19.28
C ALA B 41 8.88 18.39 18.06
N ALA B 42 8.43 17.17 17.80
CA ALA B 42 8.94 16.42 16.65
C ALA B 42 8.63 17.13 15.35
N ASN B 43 7.39 17.62 15.21
CA ASN B 43 7.05 18.36 14.01
C ASN B 43 7.94 19.58 13.86
N ILE B 44 8.20 20.28 14.97
CA ILE B 44 9.03 21.48 14.91
C ILE B 44 10.43 21.14 14.44
N ILE B 45 11.05 20.11 15.01
CA ILE B 45 12.42 19.79 14.62
C ILE B 45 12.48 19.40 13.15
N VAL B 46 11.56 18.55 12.69
CA VAL B 46 11.63 18.13 11.30
C VAL B 46 11.48 19.33 10.37
N THR B 47 10.47 20.16 10.59
CA THR B 47 10.23 21.27 9.67
C THR B 47 11.37 22.27 9.71
N HIS B 48 11.85 22.62 10.90
CA HIS B 48 12.90 23.63 11.00
C HIS B 48 14.23 23.13 10.47
N LEU B 49 14.54 21.85 10.66
CA LEU B 49 15.76 21.29 10.09
C LEU B 49 15.71 21.27 8.57
N TYR B 50 14.54 20.90 8.01
CA TYR B 50 14.33 21.06 6.58
C TYR B 50 14.55 22.49 6.12
N VAL B 51 14.03 23.46 6.88
CA VAL B 51 14.21 24.86 6.51
C VAL B 51 15.68 25.22 6.48
N GLN B 52 16.42 24.86 7.52
CA GLN B 52 17.83 25.25 7.61
C GLN B 52 18.64 24.65 6.48
N GLU B 53 18.36 23.40 6.12
CA GLU B 53 19.13 22.78 5.05
C GLU B 53 18.73 23.33 3.68
N MET B 54 17.45 23.60 3.47
CA MET B 54 16.93 24.03 2.17
C MET B 54 16.72 25.55 2.13
N ILE B 55 17.60 26.30 2.80
CA ILE B 55 17.37 27.71 2.99
C ILE B 55 17.36 28.45 1.65
N LYS B 56 18.24 28.05 0.73
CA LYS B 56 18.37 28.78 -0.53
C LYS B 56 17.12 28.67 -1.39
N ASP B 57 16.25 27.70 -1.13
CA ASP B 57 15.02 27.53 -1.91
C ASP B 57 13.85 28.21 -1.20
N PHE B 58 14.09 28.80 -0.03
CA PHE B 58 13.05 29.44 0.78
C PHE B 58 13.08 30.96 0.67
N PHE B 59 13.31 31.49 -0.54
CA PHE B 59 13.44 32.93 -0.72
C PHE B 59 12.14 33.68 -0.57
N TYR B 60 11.01 32.99 -0.48
CA TYR B 60 9.70 33.65 -0.52
C TYR B 60 9.21 34.10 0.85
N LEU B 61 9.99 33.90 1.91
CA LEU B 61 9.58 34.41 3.21
C LEU B 61 10.01 35.86 3.40
N SER B 62 9.51 36.47 4.46
CA SER B 62 9.90 37.83 4.80
C SER B 62 11.33 37.87 5.32
N GLU B 63 11.95 39.04 5.20
CA GLU B 63 13.34 39.21 5.61
C GLU B 63 13.48 39.14 7.14
N SER B 83 26.94 22.06 17.81
CA SER B 83 26.56 21.52 16.51
C SER B 83 25.16 21.96 16.11
N ARG B 84 24.64 21.40 15.02
CA ARG B 84 23.30 21.72 14.56
C ARG B 84 22.23 21.24 15.53
N MET B 85 22.56 20.29 16.40
CA MET B 85 21.58 19.77 17.35
C MET B 85 21.19 20.82 18.39
N ASN B 86 22.14 21.67 18.79
CA ASN B 86 21.98 22.48 19.99
C ASN B 86 20.90 23.53 19.83
N THR B 87 20.78 24.14 18.65
CA THR B 87 19.78 25.20 18.46
C THR B 87 18.37 24.67 18.70
N THR B 88 18.02 23.59 18.01
CA THR B 88 16.71 22.98 18.19
C THR B 88 16.54 22.45 19.61
N TYR B 89 17.61 21.84 20.17
CA TYR B 89 17.48 21.28 21.51
C TYR B 89 17.18 22.35 22.54
N ARG B 90 17.89 23.49 22.46
CA ARG B 90 17.62 24.59 23.37
C ARG B 90 16.23 25.18 23.15
N VAL B 91 15.83 25.30 21.89
CA VAL B 91 14.50 25.83 21.59
C VAL B 91 13.43 24.96 22.25
N VAL B 92 13.51 23.64 22.04
CA VAL B 92 12.48 22.76 22.60
C VAL B 92 12.62 22.66 24.12
N SER B 93 13.83 22.82 24.64
CA SER B 93 14.02 22.81 26.09
C SER B 93 13.27 23.97 26.74
N ASP B 94 13.47 25.19 26.21
CA ASP B 94 12.68 26.29 26.73
C ASP B 94 11.20 26.14 26.40
N ARG B 95 10.89 25.41 25.32
CA ARG B 95 9.51 25.16 24.93
C ARG B 95 8.73 24.37 25.97
N PHE B 96 9.29 23.27 26.46
CA PHE B 96 8.55 22.37 27.33
C PHE B 96 9.33 21.98 28.58
N LYS B 97 10.10 22.91 29.15
CA LYS B 97 10.84 22.62 30.38
C LYS B 97 9.87 22.44 31.53
N GLY B 98 10.14 21.44 32.35
CA GLY B 98 9.27 21.11 33.47
C GLY B 98 8.09 20.24 33.11
N GLU B 99 7.47 20.53 31.96
CA GLU B 99 6.32 19.77 31.49
C GLU B 99 6.69 18.56 30.66
N MET B 100 7.98 18.33 30.41
CA MET B 100 8.39 17.29 29.48
C MET B 100 9.81 16.84 29.81
N PRO B 101 9.99 15.58 30.24
CA PRO B 101 11.34 15.07 30.51
C PRO B 101 12.31 15.31 29.37
N THR B 102 13.34 16.13 29.64
CA THR B 102 14.25 16.57 28.60
C THR B 102 15.07 15.42 28.01
N ASN B 103 15.22 14.31 28.74
CA ASN B 103 15.91 13.17 28.17
C ASN B 103 15.15 12.62 26.97
N ILE B 104 13.82 12.52 27.09
CA ILE B 104 12.98 12.08 25.97
C ILE B 104 13.12 13.05 24.80
N LEU B 105 13.12 14.34 25.09
CA LEU B 105 13.25 15.33 24.02
C LEU B 105 14.59 15.21 23.31
N SER B 106 15.66 14.99 24.07
CA SER B 106 16.97 14.83 23.46
C SER B 106 16.99 13.58 22.59
N THR B 107 16.40 12.49 23.07
CA THR B 107 16.34 11.28 22.25
C THR B 107 15.56 11.52 20.97
N LEU B 108 14.44 12.23 21.06
CA LEU B 108 13.63 12.51 19.89
C LEU B 108 14.39 13.38 18.89
N ASN B 109 15.07 14.41 19.37
CA ASN B 109 15.82 15.28 18.49
C ASN B 109 16.94 14.51 17.80
N HIS B 110 17.62 13.64 18.56
CA HIS B 110 18.65 12.79 17.96
C HIS B 110 18.06 11.92 16.86
N GLY B 111 16.89 11.33 17.13
CA GLY B 111 16.26 10.48 16.13
C GLY B 111 15.89 11.24 14.87
N LEU B 112 15.32 12.43 15.03
CA LEU B 112 14.89 13.20 13.86
C LEU B 112 16.07 13.67 13.03
N ILE B 113 17.13 14.16 13.70
CA ILE B 113 18.30 14.59 12.94
C ILE B 113 18.95 13.40 12.24
N SER B 114 18.98 12.25 12.90
CA SER B 114 19.55 11.07 12.26
C SER B 114 18.74 10.66 11.03
N SER B 115 17.41 10.64 11.16
CA SER B 115 16.58 10.27 10.02
C SER B 115 16.74 11.26 8.88
N PHE B 116 16.84 12.55 9.20
CA PHE B 116 17.05 13.55 8.16
C PHE B 116 18.39 13.34 7.47
N ASN B 117 19.43 13.02 8.24
CA ASN B 117 20.72 12.73 7.62
C ASN B 117 20.62 11.53 6.69
N LYS B 118 19.88 10.50 7.10
CA LYS B 118 19.75 9.30 6.28
C LYS B 118 18.99 9.57 4.99
N ASN B 119 17.95 10.39 5.05
CA ASN B 119 17.08 10.60 3.91
C ASN B 119 17.27 11.95 3.21
N ARG B 120 18.37 12.66 3.51
CA ARG B 120 18.69 13.91 2.85
C ARG B 120 18.65 13.80 1.33
N VAL B 121 19.24 12.74 0.78
CA VAL B 121 19.33 12.59 -0.66
C VAL B 121 17.94 12.52 -1.27
N GLN B 122 17.05 11.73 -0.67
CA GLN B 122 15.68 11.66 -1.19
C GLN B 122 14.92 12.95 -0.93
N TYR B 123 15.28 13.69 0.11
CA TYR B 123 14.61 14.96 0.37
C TYR B 123 14.94 15.99 -0.71
N TRP B 124 16.19 15.93 -1.21
CA TRP B 124 16.60 16.87 -2.25
C TRP B 124 15.80 16.73 -3.53
N LYS B 125 15.72 15.51 -4.07
CA LYS B 125 15.22 15.32 -5.43
C LYS B 125 13.72 15.45 -5.57
N GLY B 126 12.99 15.60 -4.48
CA GLY B 126 11.55 15.57 -4.55
C GLY B 126 10.95 14.18 -4.59
N GLU B 127 11.75 13.15 -4.30
CA GLU B 127 11.25 11.78 -4.33
C GLU B 127 10.27 11.51 -3.19
N ARG B 128 10.62 11.92 -1.98
CA ARG B 128 9.77 11.71 -0.82
C ARG B 128 9.55 13.04 -0.13
N SER B 129 8.29 13.34 0.19
CA SER B 129 7.97 14.58 0.87
C SER B 129 8.44 14.49 2.31
N LEU B 130 8.15 15.52 3.10
CA LEU B 130 8.63 15.56 4.46
C LEU B 130 7.83 14.62 5.33
N PRO B 131 8.44 13.61 5.94
CA PRO B 131 7.68 12.71 6.82
C PRO B 131 7.27 13.43 8.09
N ASN B 132 5.97 13.41 8.37
CA ASN B 132 5.40 14.09 9.52
C ASN B 132 4.79 13.08 10.46
N PHE B 133 4.63 13.47 11.71
CA PHE B 133 4.19 12.56 12.75
C PHE B 133 2.73 12.82 13.09
N LYS B 134 2.23 12.13 14.11
CA LYS B 134 0.80 12.03 14.35
C LYS B 134 0.50 12.30 15.81
N LYS B 135 -0.79 12.48 16.13
CA LYS B 135 -1.21 12.59 17.52
C LYS B 135 -0.89 11.34 18.33
N ASP B 136 -0.86 10.17 17.68
CA ASP B 136 -0.75 8.91 18.39
C ASP B 136 0.61 8.23 18.21
N MET B 137 1.65 8.99 17.91
CA MET B 137 2.99 8.41 17.83
C MET B 137 3.46 7.97 19.20
N ALA B 138 4.21 6.88 19.24
CA ALA B 138 4.77 6.40 20.50
C ALA B 138 6.03 7.17 20.83
N PHE B 139 6.05 7.82 22.00
CA PHE B 139 7.15 8.73 22.27
C PHE B 139 8.43 7.96 22.58
N PRO B 140 9.58 8.46 22.12
CA PRO B 140 10.83 7.75 22.34
C PRO B 140 11.46 8.09 23.69
N PHE B 141 12.30 7.18 24.17
CA PHE B 141 13.02 7.37 25.41
C PHE B 141 14.25 6.48 25.41
N GLY B 142 15.32 6.96 26.01
CA GLY B 142 16.57 6.22 26.10
C GLY B 142 16.59 5.28 27.29
N LEU B 143 17.75 4.67 27.51
CA LEU B 143 17.92 3.75 28.63
C LEU B 143 17.84 4.47 29.97
N GLN B 144 18.21 5.75 30.00
CA GLN B 144 18.19 6.50 31.25
C GLN B 144 16.79 6.67 31.82
N GLY B 145 15.76 6.63 30.97
CA GLY B 145 14.40 6.75 31.47
C GLY B 145 13.99 5.59 32.36
N ILE B 146 14.40 4.37 31.98
CA ILE B 146 14.06 3.18 32.75
C ILE B 146 15.07 3.03 33.87
N SER B 147 14.57 2.92 35.10
CA SER B 147 15.41 2.73 36.27
C SER B 147 14.86 1.61 37.13
N ARG B 148 15.76 0.90 37.81
CA ARG B 148 15.41 -0.22 38.68
C ARG B 148 14.65 -1.30 37.91
N LEU B 149 15.23 -1.75 36.80
CA LEU B 149 14.63 -2.81 36.00
C LEU B 149 14.90 -4.14 36.68
N VAL B 150 14.02 -4.51 37.60
CA VAL B 150 14.17 -5.71 38.41
C VAL B 150 12.90 -6.55 38.27
N TYR B 151 13.09 -7.88 38.29
CA TYR B 151 11.99 -8.84 38.19
C TYR B 151 11.45 -9.08 39.59
N ASP B 152 10.20 -8.68 39.83
CA ASP B 152 9.60 -8.76 41.15
C ASP B 152 8.85 -10.07 41.31
N GLU B 153 9.14 -10.79 42.40
CA GLU B 153 8.43 -12.02 42.70
C GLU B 153 7.14 -11.78 43.48
N GLU B 154 7.15 -10.81 44.41
CA GLU B 154 5.94 -10.51 45.16
C GLU B 154 4.83 -9.99 44.25
N LYS B 155 5.19 -9.09 43.33
CA LYS B 155 4.21 -8.60 42.38
C LYS B 155 4.05 -9.51 41.16
N LYS B 156 4.85 -10.58 41.08
CA LYS B 156 4.67 -11.64 40.10
C LYS B 156 4.79 -11.11 38.67
N ALA B 157 5.68 -10.15 38.48
CA ALA B 157 5.90 -9.53 37.18
C ALA B 157 7.21 -8.74 37.25
N PHE B 158 7.47 -7.94 36.22
CA PHE B 158 8.64 -7.08 36.15
C PHE B 158 8.23 -5.66 36.53
N CYS B 159 9.04 -5.00 37.34
CA CYS B 159 8.76 -3.64 37.80
C CYS B 159 9.97 -2.75 37.54
N PHE B 160 9.70 -1.50 37.19
CA PHE B 160 10.75 -0.52 36.95
C PHE B 160 10.16 0.87 37.14
N ARG B 161 11.04 1.87 37.08
CA ARG B 161 10.67 3.26 37.34
C ARG B 161 11.04 4.08 36.11
N LEU B 162 10.05 4.44 35.32
CA LEU B 162 10.26 5.22 34.10
C LEU B 162 10.11 6.70 34.44
N TYR B 163 11.24 7.40 34.53
CA TYR B 163 11.28 8.82 34.86
C TYR B 163 10.58 9.09 36.18
N ARG B 164 11.11 8.48 37.24
CA ARG B 164 10.66 8.61 38.62
C ARG B 164 9.25 8.08 38.84
N VAL B 165 8.69 7.34 37.89
CA VAL B 165 7.34 6.81 37.99
C VAL B 165 7.42 5.29 38.04
N PRO B 166 7.08 4.66 39.16
CA PRO B 166 7.07 3.20 39.20
C PRO B 166 6.02 2.62 38.27
N PHE B 167 6.35 1.47 37.69
CA PHE B 167 5.49 0.85 36.68
C PHE B 167 5.53 -0.66 36.84
N LYS B 168 4.40 -1.31 36.62
CA LYS B 168 4.31 -2.76 36.69
C LYS B 168 3.88 -3.32 35.35
N THR B 169 4.55 -4.38 34.91
CA THR B 169 4.34 -4.97 33.60
C THR B 169 3.24 -6.01 33.66
N TYR B 170 2.55 -6.21 32.54
CA TYR B 170 1.51 -7.22 32.41
C TYR B 170 1.88 -8.13 31.25
N LEU B 171 1.99 -9.43 31.53
CA LEU B 171 2.06 -10.42 30.46
C LEU B 171 0.80 -11.27 30.38
N GLY B 172 0.10 -11.45 31.50
CA GLY B 172 -1.06 -12.33 31.50
C GLY B 172 -0.65 -13.76 31.26
N LYS B 173 -1.51 -14.49 30.55
CA LYS B 173 -1.22 -15.87 30.16
C LYS B 173 -0.44 -15.88 28.84
N ASP B 174 0.72 -15.23 28.85
CA ASP B 174 1.55 -15.06 27.67
C ASP B 174 2.57 -16.19 27.62
N PHE B 175 2.40 -17.10 26.65
CA PHE B 175 3.33 -18.18 26.42
C PHE B 175 4.34 -17.84 25.33
N THR B 176 4.32 -16.62 24.81
CA THR B 176 5.25 -16.21 23.77
C THR B 176 6.62 -15.90 24.37
N ASP B 177 7.53 -15.39 23.56
CA ASP B 177 8.92 -15.20 23.96
C ASP B 177 9.14 -13.95 24.79
N LYS B 178 8.09 -13.18 25.07
CA LYS B 178 8.27 -11.91 25.78
C LYS B 178 8.87 -12.12 27.17
N ARG B 179 8.39 -13.14 27.90
CA ARG B 179 8.88 -13.38 29.25
C ARG B 179 10.35 -13.76 29.24
N MET B 180 10.76 -14.63 28.31
CA MET B 180 12.16 -15.04 28.22
C MET B 180 13.05 -13.85 27.90
N LEU B 181 12.60 -13.01 26.95
CA LEU B 181 13.37 -11.80 26.62
C LEU B 181 13.48 -10.89 27.82
N LEU B 182 12.40 -10.75 28.59
CA LEU B 182 12.46 -9.92 29.79
C LEU B 182 13.47 -10.48 30.79
N GLU B 183 13.49 -11.80 30.96
CA GLU B 183 14.45 -12.40 31.88
C GLU B 183 15.89 -12.15 31.44
N ARG B 184 16.19 -12.33 30.14
CA ARG B 184 17.57 -12.11 29.71
C ARG B 184 17.92 -10.63 29.77
N LEU B 185 16.94 -9.75 29.55
CA LEU B 185 17.20 -8.32 29.63
C LEU B 185 17.53 -7.90 31.06
N VAL B 186 16.70 -8.29 32.02
CA VAL B 186 16.99 -7.94 33.41
C VAL B 186 18.26 -8.62 33.88
N LYS B 187 18.60 -9.77 33.30
CA LYS B 187 19.88 -10.40 33.53
C LYS B 187 21.00 -9.72 32.76
N GLY B 188 20.68 -8.86 31.79
CA GLY B 188 21.68 -8.15 31.03
C GLY B 188 22.24 -8.90 29.85
N ASP B 189 21.75 -10.12 29.58
CA ASP B 189 22.23 -10.87 28.42
C ASP B 189 21.85 -10.22 27.10
N VAL B 190 20.87 -9.32 27.10
CA VAL B 190 20.38 -8.67 25.90
C VAL B 190 20.43 -7.16 26.11
N LYS B 191 21.01 -6.44 25.15
CA LYS B 191 21.10 -5.00 25.22
C LYS B 191 19.83 -4.35 24.69
N LEU B 192 19.39 -3.29 25.35
CA LEU B 192 18.20 -2.55 24.96
C LEU B 192 18.59 -1.27 24.22
N CYS B 193 17.87 -0.98 23.15
CA CYS B 193 18.11 0.18 22.32
C CYS B 193 16.99 1.20 22.52
N ALA B 194 17.01 2.25 21.70
CA ALA B 194 15.98 3.29 21.76
C ALA B 194 14.60 2.69 21.61
N SER B 195 13.81 2.73 22.67
CA SER B 195 12.49 2.12 22.70
C SER B 195 11.40 3.17 22.48
N ASN B 196 10.15 2.74 22.65
CA ASN B 196 9.00 3.62 22.52
C ASN B 196 7.91 3.17 23.46
N ILE B 197 7.03 4.11 23.82
CA ILE B 197 5.88 3.86 24.67
C ILE B 197 4.65 4.38 23.95
N GLN B 198 3.65 3.52 23.79
CA GLN B 198 2.47 3.84 22.99
C GLN B 198 1.23 3.83 23.87
N LEU B 199 0.27 4.70 23.53
CA LEU B 199 -0.98 4.83 24.27
C LEU B 199 -2.12 4.56 23.29
N ASN B 200 -2.57 3.31 23.24
CA ASN B 200 -3.60 2.90 22.30
C ASN B 200 -4.80 2.36 23.06
N GLY B 201 -5.99 2.88 22.74
CA GLY B 201 -7.23 2.35 23.28
C GLY B 201 -7.32 2.37 24.79
N GLY B 202 -6.79 3.41 25.43
CA GLY B 202 -6.79 3.46 26.87
C GLY B 202 -5.82 2.52 27.54
N LYS B 203 -4.90 1.92 26.78
CA LYS B 203 -3.93 0.98 27.32
C LYS B 203 -2.52 1.47 27.02
N ILE B 204 -1.62 1.24 27.96
CA ILE B 204 -0.23 1.66 27.82
C ILE B 204 0.60 0.47 27.38
N PHE B 205 1.41 0.67 26.33
CA PHE B 205 2.21 -0.40 25.75
C PHE B 205 3.65 0.07 25.62
N TRP B 206 4.58 -0.88 25.64
CA TRP B 206 6.01 -0.58 25.57
C TRP B 206 6.59 -1.21 24.30
N LEU B 207 7.06 -0.37 23.39
CA LEU B 207 7.69 -0.83 22.16
C LEU B 207 9.20 -0.75 22.35
N ALA B 208 9.80 -1.87 22.74
CA ALA B 208 11.22 -1.93 23.04
C ALA B 208 11.98 -2.53 21.86
N VAL B 209 13.22 -2.08 21.69
CA VAL B 209 14.12 -2.62 20.67
C VAL B 209 15.32 -3.22 21.38
N PHE B 210 15.58 -4.50 21.13
CA PHE B 210 16.62 -5.24 21.83
C PHE B 210 17.78 -5.56 20.88
N GLU B 211 19.00 -5.30 21.34
CA GLU B 211 20.20 -5.63 20.58
C GLU B 211 20.74 -6.95 21.13
N ILE B 212 20.52 -8.04 20.40
CA ILE B 212 20.89 -9.38 20.84
C ILE B 212 22.07 -9.85 20.00
N GLU B 213 23.14 -10.25 20.66
CA GLU B 213 24.31 -10.77 19.96
C GLU B 213 23.96 -12.11 19.31
N LYS B 214 24.33 -12.25 18.04
CA LYS B 214 24.08 -13.50 17.33
C LYS B 214 25.06 -14.56 17.82
N GLU B 215 24.60 -15.41 18.74
CA GLU B 215 25.42 -16.51 19.23
C GLU B 215 25.74 -17.47 18.11
N LYS B 216 27.00 -17.90 18.05
CA LYS B 216 27.45 -18.81 17.00
C LYS B 216 26.68 -20.13 17.11
N HIS B 217 25.90 -20.44 16.09
CA HIS B 217 25.14 -21.68 16.07
C HIS B 217 26.05 -22.85 15.78
N SER B 218 25.98 -23.88 16.62
CA SER B 218 26.81 -25.07 16.46
C SER B 218 25.91 -26.31 16.47
N LEU B 219 26.30 -27.30 15.67
CA LEU B 219 25.49 -28.51 15.56
C LEU B 219 25.61 -29.36 16.81
N LYS B 220 24.48 -29.59 17.47
CA LYS B 220 24.43 -30.46 18.63
C LYS B 220 23.91 -31.82 18.21
N PRO B 221 24.71 -32.88 18.27
CA PRO B 221 24.25 -34.18 17.75
C PRO B 221 23.05 -34.74 18.48
N GLU B 222 22.80 -34.31 19.71
CA GLU B 222 21.64 -34.82 20.45
C GLU B 222 20.32 -34.38 19.84
N VAL B 223 20.31 -33.30 19.07
CA VAL B 223 19.08 -32.82 18.46
C VAL B 223 18.65 -33.79 17.37
N ILE B 224 17.42 -34.27 17.47
CA ILE B 224 16.89 -35.28 16.56
C ILE B 224 15.91 -34.60 15.61
N ALA B 225 16.14 -34.77 14.31
CA ALA B 225 15.29 -34.19 13.28
C ALA B 225 14.66 -35.34 12.50
N GLU B 226 13.34 -35.43 12.54
CA GLU B 226 12.61 -36.51 11.88
C GLU B 226 12.05 -36.00 10.56
N ALA B 227 12.48 -36.59 9.46
CA ALA B 227 12.01 -36.21 8.14
C ALA B 227 11.04 -37.27 7.62
N SER B 228 9.87 -36.83 7.18
CA SER B 228 8.88 -37.75 6.67
C SER B 228 8.14 -37.11 5.51
N LEU B 229 7.72 -37.95 4.57
CA LEU B 229 6.89 -37.53 3.46
C LEU B 229 5.43 -37.64 3.85
N SER B 230 4.57 -36.97 3.08
CA SER B 230 3.15 -37.01 3.37
C SER B 230 2.32 -37.11 2.09
N LEU B 231 1.01 -37.05 2.23
CA LEU B 231 0.11 -37.01 1.09
C LEU B 231 -0.20 -35.60 0.63
N GLU B 232 -0.09 -34.60 1.51
CA GLU B 232 -0.42 -33.24 1.17
C GLU B 232 0.66 -32.22 1.54
N TYR B 233 1.87 -32.66 1.85
CA TYR B 233 3.04 -31.80 2.02
C TYR B 233 4.23 -32.53 1.39
N PRO B 234 4.94 -31.89 0.45
CA PRO B 234 6.13 -32.53 -0.15
C PRO B 234 7.10 -33.11 0.86
N ILE B 235 7.60 -32.28 1.78
CA ILE B 235 8.47 -32.72 2.86
C ILE B 235 7.96 -32.10 4.16
N VAL B 236 7.78 -32.92 5.18
CA VAL B 236 7.41 -32.43 6.51
C VAL B 236 8.44 -32.97 7.50
N VAL B 237 8.95 -32.09 8.36
CA VAL B 237 10.08 -32.40 9.23
C VAL B 237 9.73 -31.98 10.66
N LYS B 238 10.03 -32.85 11.61
CA LYS B 238 9.77 -32.60 13.03
C LYS B 238 11.08 -32.49 13.79
N THR B 239 11.17 -31.49 14.67
CA THR B 239 12.35 -31.31 15.51
C THR B 239 11.90 -30.61 16.78
N GLY B 240 11.68 -31.38 17.85
CA GLY B 240 11.20 -30.80 19.08
C GLY B 240 9.84 -30.15 18.90
N LYS B 241 9.70 -28.93 19.43
CA LYS B 241 8.48 -28.16 19.30
C LYS B 241 8.49 -27.26 18.06
N ASN B 242 9.53 -27.35 17.24
CA ASN B 242 9.62 -26.56 16.02
C ASN B 242 9.17 -27.39 14.84
N ARG B 243 8.17 -26.90 14.13
CA ARG B 243 7.54 -27.65 13.05
C ARG B 243 7.61 -26.82 11.78
N LEU B 244 8.06 -27.44 10.69
CA LEU B 244 8.17 -26.74 9.42
C LEU B 244 7.87 -27.69 8.28
N THR B 245 7.05 -27.24 7.33
CA THR B 245 6.70 -28.01 6.15
C THR B 245 7.26 -27.30 4.93
N ILE B 246 7.70 -28.07 3.95
CA ILE B 246 8.32 -27.54 2.74
C ILE B 246 7.37 -27.79 1.57
N GLY B 247 6.72 -26.73 1.09
CA GLY B 247 5.89 -26.80 -0.09
C GLY B 247 4.51 -27.35 0.19
N THR B 248 3.71 -27.45 -0.87
CA THR B 248 2.38 -28.02 -0.77
C THR B 248 2.05 -28.60 -2.14
N LYS B 249 1.12 -29.56 -2.17
CA LYS B 249 0.92 -30.40 -3.36
C LYS B 249 0.60 -29.57 -4.59
N GLU B 250 -0.25 -28.55 -4.46
CA GLU B 250 -0.63 -27.76 -5.63
C GLU B 250 0.55 -26.95 -6.15
N GLU B 251 1.46 -26.54 -5.27
CA GLU B 251 2.63 -25.79 -5.69
C GLU B 251 3.52 -26.63 -6.61
N PHE B 252 3.76 -27.89 -6.22
CA PHE B 252 4.60 -28.78 -7.01
C PHE B 252 3.86 -29.32 -8.22
N LEU B 253 2.54 -29.28 -8.20
CA LEU B 253 1.76 -29.87 -9.28
C LEU B 253 1.31 -28.87 -10.34
N TYR B 254 1.31 -27.57 -10.04
CA TYR B 254 0.94 -26.59 -11.05
C TYR B 254 1.83 -26.69 -12.27
N ARG B 255 3.15 -26.67 -12.06
CA ARG B 255 4.07 -26.66 -13.18
C ARG B 255 4.00 -27.98 -13.94
N ARG B 256 3.79 -29.08 -13.22
CA ARG B 256 3.58 -30.36 -13.87
C ARG B 256 2.38 -30.32 -14.81
N LEU B 257 1.23 -29.88 -14.30
CA LEU B 257 0.05 -29.84 -15.15
C LEU B 257 0.25 -28.88 -16.30
N ALA B 258 0.95 -27.77 -16.07
CA ALA B 258 1.17 -26.79 -17.12
C ALA B 258 2.02 -27.36 -18.24
N ILE B 259 3.14 -27.98 -17.90
CA ILE B 259 4.00 -28.57 -18.93
C ILE B 259 3.27 -29.71 -19.63
N GLN B 260 2.51 -30.51 -18.89
CA GLN B 260 1.80 -31.61 -19.51
C GLN B 260 0.75 -31.09 -20.50
N ALA B 261 0.02 -30.05 -20.12
CA ALA B 261 -0.97 -29.47 -21.03
C ALA B 261 -0.28 -28.89 -22.25
N ALA B 262 0.86 -28.23 -22.06
CA ALA B 262 1.60 -27.69 -23.20
C ALA B 262 2.04 -28.81 -24.14
N ARG B 263 2.51 -29.93 -23.58
CA ARG B 263 2.92 -31.05 -24.40
C ARG B 263 1.76 -31.61 -25.20
N ARG B 264 0.59 -31.77 -24.55
CA ARG B 264 -0.57 -32.29 -25.26
C ARG B 264 -1.00 -31.37 -26.38
N ARG B 265 -1.06 -30.07 -26.11
CA ARG B 265 -1.48 -29.13 -27.13
C ARG B 265 -0.47 -29.07 -28.28
N THR B 266 0.82 -29.11 -27.96
CA THR B 266 1.83 -29.09 -29.00
C THR B 266 1.79 -30.36 -29.85
N GLN B 267 1.52 -31.50 -29.21
CA GLN B 267 1.34 -32.74 -29.98
C GLN B 267 0.16 -32.62 -30.93
N VAL B 268 -0.97 -32.09 -30.44
CA VAL B 268 -2.14 -31.92 -31.29
C VAL B 268 -1.82 -31.01 -32.46
N GLY B 269 -1.14 -29.90 -32.20
CA GLY B 269 -0.79 -28.98 -33.26
C GLY B 269 0.16 -29.58 -34.29
N ALA B 270 1.17 -30.32 -33.80
CA ALA B 270 2.14 -30.93 -34.70
C ALA B 270 1.48 -31.99 -35.57
N THR B 271 0.57 -32.78 -35.01
CA THR B 271 -0.15 -33.77 -35.81
C THR B 271 -0.95 -33.12 -36.93
N TYR B 272 -1.42 -31.90 -36.71
CA TYR B 272 -2.13 -31.14 -37.74
C TYR B 272 -1.23 -30.16 -38.47
N SER B 273 0.06 -30.15 -38.18
CA SER B 273 0.99 -29.22 -38.81
C SER B 273 1.47 -29.76 -40.14
N ARG B 274 2.38 -29.02 -40.77
CA ARG B 274 2.93 -29.41 -42.07
C ARG B 274 3.99 -30.50 -41.87
N SER B 275 3.80 -31.64 -42.51
CA SER B 275 4.72 -32.75 -42.40
C SER B 275 5.68 -32.76 -43.60
N GLY B 276 6.55 -33.76 -43.64
CA GLY B 276 7.50 -33.90 -44.72
C GLY B 276 8.81 -33.15 -44.54
N LYS B 277 8.94 -32.36 -43.47
CA LYS B 277 10.15 -31.60 -43.20
C LYS B 277 11.05 -32.26 -42.17
N GLY B 278 10.76 -33.50 -41.79
CA GLY B 278 11.57 -34.20 -40.82
C GLY B 278 10.85 -34.49 -39.51
N LYS B 279 10.99 -35.71 -39.00
CA LYS B 279 10.35 -36.06 -37.74
C LYS B 279 10.98 -35.33 -36.56
N LYS B 280 12.28 -35.03 -36.65
CA LYS B 280 12.92 -34.25 -35.59
C LYS B 280 12.32 -32.86 -35.50
N ARG B 281 12.10 -32.20 -36.64
CA ARG B 281 11.46 -30.89 -36.64
C ARG B 281 10.01 -30.96 -36.16
N LYS B 282 9.44 -32.16 -36.08
CA LYS B 282 8.07 -32.34 -35.61
C LYS B 282 7.99 -32.65 -34.13
N LEU B 283 8.97 -33.38 -33.58
CA LEU B 283 8.90 -33.86 -32.20
C LEU B 283 9.98 -33.26 -31.30
N LYS B 284 10.75 -32.29 -31.80
CA LYS B 284 11.73 -31.64 -30.92
C LYS B 284 11.03 -30.88 -29.80
N ALA B 285 9.84 -30.33 -30.07
CA ALA B 285 9.10 -29.65 -29.01
C ALA B 285 8.69 -30.62 -27.91
N VAL B 286 8.23 -31.82 -28.29
CA VAL B 286 7.83 -32.81 -27.31
C VAL B 286 9.03 -33.29 -26.51
N ASP B 287 10.15 -33.56 -27.18
CA ASP B 287 11.35 -33.97 -26.48
C ASP B 287 11.81 -32.89 -25.51
N LYS B 288 11.78 -31.63 -25.94
CA LYS B 288 12.16 -30.52 -25.08
C LYS B 288 11.23 -30.40 -23.89
N TYR B 289 9.93 -30.59 -24.10
CA TYR B 289 9.00 -30.50 -22.98
C TYR B 289 9.25 -31.61 -21.96
N HIS B 290 9.49 -32.83 -22.43
CA HIS B 290 9.80 -33.91 -21.50
C HIS B 290 11.10 -33.64 -20.74
N LYS B 291 12.13 -33.17 -21.46
CA LYS B 291 13.41 -32.87 -20.82
C LYS B 291 13.27 -31.77 -19.78
N THR B 292 12.51 -30.72 -20.10
CA THR B 292 12.35 -29.64 -19.14
C THR B 292 11.48 -30.06 -17.97
N GLU B 293 10.57 -31.01 -18.18
CA GLU B 293 9.84 -31.57 -17.05
C GLU B 293 10.79 -32.28 -16.09
N SER B 294 11.70 -33.08 -16.65
CA SER B 294 12.69 -33.74 -15.80
C SER B 294 13.56 -32.71 -15.08
N ASN B 295 14.00 -31.67 -15.79
CA ASN B 295 14.80 -30.64 -15.15
C ASN B 295 14.01 -29.92 -14.08
N TYR B 296 12.70 -29.78 -14.27
CA TYR B 296 11.85 -29.14 -13.27
C TYR B 296 11.79 -29.96 -12.00
N VAL B 297 11.62 -31.27 -12.13
CA VAL B 297 11.61 -32.09 -10.91
C VAL B 297 12.98 -32.05 -10.25
N ALA B 298 14.06 -31.99 -11.04
CA ALA B 298 15.40 -31.90 -10.46
C ALA B 298 15.55 -30.63 -9.64
N HIS B 299 15.13 -29.49 -10.20
CA HIS B 299 15.26 -28.23 -9.50
C HIS B 299 14.33 -28.16 -8.29
N ARG B 300 13.16 -28.80 -8.37
CA ARG B 300 12.25 -28.76 -7.24
C ARG B 300 12.80 -29.57 -6.07
N ILE B 301 13.31 -30.77 -6.35
CA ILE B 301 13.98 -31.54 -5.32
C ILE B 301 15.14 -30.74 -4.76
N HIS B 302 15.87 -30.02 -5.61
CA HIS B 302 16.99 -29.23 -5.15
C HIS B 302 16.55 -28.20 -4.12
N VAL B 303 15.50 -27.45 -4.44
CA VAL B 303 15.04 -26.41 -3.51
C VAL B 303 14.51 -27.02 -2.23
N TYR B 304 13.75 -28.12 -2.32
CA TYR B 304 13.20 -28.73 -1.12
C TYR B 304 14.31 -29.24 -0.21
N SER B 305 15.32 -29.86 -0.80
CA SER B 305 16.47 -30.31 -0.02
C SER B 305 17.18 -29.14 0.63
N ARG B 306 17.31 -28.02 -0.09
CA ARG B 306 17.92 -26.84 0.50
C ARG B 306 17.13 -26.35 1.71
N LYS B 307 15.81 -26.34 1.59
CA LYS B 307 14.97 -25.89 2.70
C LYS B 307 15.08 -26.83 3.89
N LEU B 308 15.15 -28.14 3.63
CA LEU B 308 15.33 -29.10 4.73
C LEU B 308 16.67 -28.88 5.43
N ILE B 309 17.72 -28.63 4.65
CA ILE B 309 19.03 -28.35 5.24
C ILE B 309 18.98 -27.09 6.09
N ASP B 310 18.31 -26.04 5.58
CA ASP B 310 18.20 -24.80 6.35
C ASP B 310 17.39 -25.01 7.62
N PHE B 311 16.37 -25.86 7.57
CA PHE B 311 15.62 -26.20 8.77
C PHE B 311 16.53 -26.87 9.78
N CYS B 312 17.37 -27.79 9.33
CA CYS B 312 18.30 -28.45 10.24
C CYS B 312 19.25 -27.44 10.87
N ILE B 313 19.77 -26.50 10.07
CA ILE B 313 20.74 -25.54 10.59
C ILE B 313 20.10 -24.59 11.58
N LYS B 314 18.89 -24.09 11.28
CA LYS B 314 18.32 -23.00 12.06
C LYS B 314 18.07 -23.41 13.50
N HIS B 315 17.92 -24.71 13.75
CA HIS B 315 17.77 -25.24 15.10
C HIS B 315 18.94 -26.11 15.52
N GLN B 316 20.12 -25.88 14.94
CA GLN B 316 21.37 -26.49 15.39
C GLN B 316 21.26 -28.01 15.46
N ALA B 317 20.53 -28.59 14.51
CA ALA B 317 20.29 -30.02 14.49
C ALA B 317 21.47 -30.73 13.85
N GLY B 318 22.26 -31.42 14.66
CA GLY B 318 23.42 -32.14 14.16
C GLY B 318 23.08 -33.52 13.63
N THR B 319 21.94 -34.06 14.07
CA THR B 319 21.49 -35.38 13.66
C THR B 319 20.15 -35.23 12.95
N LEU B 320 20.05 -35.78 11.75
CA LEU B 320 18.82 -35.75 10.96
C LEU B 320 18.49 -37.18 10.54
N ILE B 321 17.25 -37.59 10.77
CA ILE B 321 16.79 -38.93 10.45
C ILE B 321 15.51 -38.81 9.64
N LEU B 322 15.45 -39.53 8.52
CA LEU B 322 14.29 -39.52 7.63
C LEU B 322 13.47 -40.78 7.86
N MET B 323 12.25 -40.61 8.35
CA MET B 323 11.37 -41.73 8.66
C MET B 323 10.93 -42.43 7.38
N ASN B 324 10.91 -43.76 7.40
CA ASN B 324 10.34 -44.49 6.28
C ASN B 324 8.85 -44.23 6.15
N GLN B 325 8.11 -44.43 7.24
CA GLN B 325 6.67 -44.15 7.32
C GLN B 325 5.93 -44.70 6.10
N GLU B 326 6.11 -46.00 5.85
CA GLU B 326 5.49 -46.65 4.70
C GLU B 326 4.23 -47.42 5.06
N ASP B 327 4.28 -48.26 6.10
CA ASP B 327 3.15 -49.07 6.54
C ASP B 327 2.65 -49.97 5.41
N LYS B 328 1.41 -50.44 5.51
CA LYS B 328 0.82 -51.28 4.48
C LYS B 328 -0.69 -51.11 4.52
N VAL B 329 -1.31 -51.13 3.34
CA VAL B 329 -2.75 -50.91 3.17
C VAL B 329 -3.13 -49.61 3.88
N GLY B 330 -3.82 -49.72 5.01
CA GLY B 330 -4.23 -48.57 5.80
C GLY B 330 -4.89 -47.47 5.00
N ILE B 331 -4.29 -46.28 5.03
CA ILE B 331 -4.76 -45.15 4.24
C ILE B 331 -3.94 -45.09 2.95
N ALA B 332 -2.74 -45.67 3.00
CA ALA B 332 -1.83 -45.64 1.86
C ALA B 332 -2.26 -46.71 0.84
N LYS B 333 -1.40 -46.96 -0.15
CA LYS B 333 -1.57 -47.90 -1.25
C LYS B 333 -2.67 -47.47 -2.21
N GLU B 334 -3.40 -46.39 -1.93
CA GLU B 334 -4.36 -45.81 -2.85
C GLU B 334 -3.98 -44.40 -3.25
N GLU B 335 -3.70 -43.53 -2.30
CA GLU B 335 -3.17 -42.20 -2.58
C GLU B 335 -1.77 -42.31 -3.15
N GLU B 336 -1.40 -41.38 -4.02
CA GLU B 336 -0.11 -41.41 -4.68
C GLU B 336 1.03 -40.95 -3.78
N PHE B 337 0.73 -40.36 -2.62
CA PHE B 337 1.76 -40.00 -1.66
C PHE B 337 2.81 -39.08 -2.27
N VAL B 338 2.41 -37.83 -2.57
CA VAL B 338 3.23 -36.90 -3.35
C VAL B 338 4.67 -36.94 -2.89
N LEU B 339 5.59 -36.84 -3.85
CA LEU B 339 7.00 -37.19 -3.75
C LEU B 339 7.20 -38.69 -3.59
N ARG B 340 6.17 -39.50 -3.86
CA ARG B 340 6.26 -40.96 -3.88
C ARG B 340 6.80 -41.51 -2.58
N ASN B 341 8.10 -41.75 -2.54
CA ASN B 341 8.79 -42.34 -1.39
C ASN B 341 10.27 -42.02 -1.61
N TRP B 342 11.08 -42.25 -0.58
CA TRP B 342 12.49 -41.92 -0.73
C TRP B 342 13.14 -42.88 -1.71
N SER B 343 12.69 -42.83 -2.97
CA SER B 343 13.29 -43.56 -4.07
C SER B 343 13.26 -42.66 -5.29
N TYR B 344 12.93 -41.39 -5.08
CA TYR B 344 12.62 -40.46 -6.15
C TYR B 344 13.89 -39.95 -6.82
N TYR B 345 13.77 -38.88 -7.59
CA TYR B 345 14.81 -38.51 -8.53
C TYR B 345 16.07 -38.04 -7.81
N GLU B 346 16.80 -38.99 -7.22
CA GLU B 346 18.05 -38.72 -6.50
C GLU B 346 17.84 -37.75 -5.35
N LEU B 347 16.67 -37.84 -4.70
CA LEU B 347 16.37 -36.97 -3.57
C LEU B 347 17.27 -37.29 -2.38
N MET B 348 17.35 -38.56 -1.99
CA MET B 348 18.10 -38.95 -0.81
C MET B 348 19.59 -38.67 -0.98
N THR B 349 20.11 -38.99 -2.16
CA THR B 349 21.53 -38.74 -2.42
C THR B 349 21.85 -37.26 -2.35
N LYS B 350 20.90 -36.40 -2.73
CA LYS B 350 21.13 -34.97 -2.65
C LYS B 350 21.07 -34.47 -1.21
N ILE B 351 20.11 -34.94 -0.42
CA ILE B 351 20.11 -34.56 0.98
C ILE B 351 21.40 -35.02 1.65
N LYS B 352 21.84 -36.23 1.34
CA LYS B 352 23.08 -36.74 1.94
C LYS B 352 24.27 -35.88 1.54
N TYR B 353 24.35 -35.49 0.27
CA TYR B 353 25.46 -34.67 -0.19
C TYR B 353 25.46 -33.31 0.50
N LYS B 354 24.29 -32.67 0.59
CA LYS B 354 24.25 -31.35 1.22
C LYS B 354 24.46 -31.42 2.72
N ALA B 355 24.02 -32.52 3.35
CA ALA B 355 24.31 -32.70 4.77
C ALA B 355 25.80 -32.90 5.00
N GLU B 356 26.44 -33.71 4.16
CA GLU B 356 27.88 -33.88 4.26
C GLU B 356 28.61 -32.56 4.03
N LYS B 357 28.06 -31.72 3.15
CA LYS B 357 28.59 -30.37 3.01
C LYS B 357 28.36 -29.54 4.26
N ALA B 358 27.29 -29.84 5.00
CA ALA B 358 26.99 -29.14 6.25
C ALA B 358 27.34 -29.95 7.49
N GLY B 359 27.82 -31.17 7.33
CA GLY B 359 28.23 -31.97 8.47
C GLY B 359 27.10 -32.50 9.33
N ILE B 360 25.93 -32.72 8.75
CA ILE B 360 24.78 -33.22 9.49
C ILE B 360 24.81 -34.74 9.49
N GLU B 361 24.49 -35.33 10.63
CA GLU B 361 24.38 -36.78 10.73
C GLU B 361 23.09 -37.24 10.06
N LEU B 362 23.20 -38.18 9.14
CA LEU B 362 22.06 -38.72 8.41
C LEU B 362 21.96 -40.21 8.71
N ILE B 363 20.85 -40.62 9.32
CA ILE B 363 20.58 -42.03 9.60
C ILE B 363 19.27 -42.41 8.92
N ILE B 364 19.34 -43.40 8.04
CA ILE B 364 18.16 -43.81 7.27
C ILE B 364 17.17 -44.49 8.20
N GLY B 365 15.93 -44.02 8.19
CA GLY B 365 14.90 -44.58 9.03
C GLY B 365 13.68 -45.01 8.24
#